data_9EUY
#
_entry.id   9EUY
#
_cell.length_a   1.00
_cell.length_b   1.00
_cell.length_c   1.00
_cell.angle_alpha   90.00
_cell.angle_beta   90.00
_cell.angle_gamma   90.00
#
_symmetry.space_group_name_H-M   'P 1'
#
loop_
_entity.id
_entity.type
_entity.pdbx_description
1 polymer Bacteriophytochrome
2 non-polymer '3-[2-[(Z)-[3-(2-carboxyethyl)-5-[(Z)-(4-ethenyl-3-methyl-5-oxidanylidene-pyrrol-2-ylidene)methyl]-4-methyl-pyrrol-1-ium -2-ylidene]methyl]-5-[(Z)-[(3E)-3-ethylidene-4-methyl-5-oxidanylidene-pyrrolidin-2-ylidene]methyl]-4-methyl-1H-pyrrol-3- yl]propanoic acid'
#
_entity_poly.entity_id   1
_entity_poly.type   'polypeptide(L)'
_entity_poly.pdbx_seq_one_letter_code
;MTSITPVTLANCEDEPIHVPGAIQPHGALVTLRADGMVLAASENIQALLGFVASPGSYLTQEQVGPEVLRMLEEGLTGNG
PWSNSVETRIGEHLFDVIGHSYKEVFYLEFEIRTADTLSITSFTLNAQRIIAQVQLHNDTASLLSNVTDELRRMTGYDRV
MAYRFRHDDSGEVVAESRREDLESYLGQRYPASDIPAQARRLYIQNPIRLIADVAYTPMRVFPALNPETNESFDLSYSVL
RSVSPIHCEYLTNMGVRASMSISIVVGGKLWGLFSCHHMSPKLIPYPVRMSFQIFSQVCSAIVERLEQGRIAELLRVSTE
RRLALARRARDADDLFGALAHPDDGIAALIPCDGALVMLGGRTLSIRGDFERQAGNVLQRLQRDPERDIYHTDNWPQPSE
DSPDGGDCCGVLAIRFHRQESGWIFWFRHEEVHRIRWGGKPEKLLTIGPSGPRLTPRGSFEAWEEVVRGHSTPWSETDLA
IAEKLRLDLMELCLNHAAEVDRMRQRLIAVLGHDLRNPLQSISMAAALLSSSDTRTTELRQHISASSSRMERLVSQILDM
SRLQSGIGLTVNPVDTDVSQLVRQIVCETDVAYPGLVIEIAIDPQVRAVVDPDRYAQVAANLLSNARHHGLPGRPVLVTL
TRQGDEVCLSVLNETSGLSEAQLANLFEPFKRESADNQRNRNGLGIGLYISQAIAQAHQGRIDVDCRDDVITFCLRLPVR
QAETGSSSLEHHHHHH
;
_entity_poly.pdbx_strand_id   A,B
#
loop_
_chem_comp.id
_chem_comp.type
_chem_comp.name
_chem_comp.formula
LBV non-polymer '3-[2-[(Z)-[3-(2-carboxyethyl)-5-[(Z)-(4-ethenyl-3-methyl-5-oxidanylidene-pyrrol-2-ylidene)methyl]-4-methyl-pyrrol-1-ium -2-ylidene]methyl]-5-[(Z)-[(3E)-3-ethylidene-4-methyl-5-oxidanylidene-pyrrolidin-2-ylidene]methyl]-4-methyl-1H-pyrrol-3- yl]propanoic acid' 'C33 H37 N4 O6 1'
#
# COMPACT_ATOMS: atom_id res chain seq x y z
N MET A 1 -49.62 -9.95 -4.65
CA MET A 1 -48.23 -9.54 -4.77
C MET A 1 -48.11 -8.03 -4.89
N THR A 2 -46.98 -7.48 -4.43
CA THR A 2 -46.74 -6.06 -4.51
C THR A 2 -46.43 -5.62 -5.94
N SER A 3 -46.59 -4.33 -6.19
CA SER A 3 -46.30 -3.76 -7.49
C SER A 3 -44.80 -3.67 -7.73
N ILE A 4 -44.40 -3.83 -8.98
CA ILE A 4 -43.00 -3.77 -9.39
C ILE A 4 -42.85 -2.65 -10.40
N THR A 5 -41.96 -1.70 -10.11
CA THR A 5 -41.74 -0.56 -10.97
C THR A 5 -40.93 -0.96 -12.19
N PRO A 6 -41.41 -0.66 -13.40
CA PRO A 6 -40.64 -1.00 -14.61
C PRO A 6 -39.46 -0.05 -14.76
N VAL A 7 -38.26 -0.62 -14.89
CA VAL A 7 -37.05 0.17 -15.05
C VAL A 7 -36.97 0.69 -16.48
N THR A 8 -36.93 2.01 -16.61
CA THR A 8 -36.91 2.69 -17.91
C THR A 8 -36.07 3.94 -17.76
N LEU A 9 -35.64 4.49 -18.90
CA LEU A 9 -34.78 5.66 -18.92
C LEU A 9 -35.32 6.84 -18.11
N ALA A 10 -36.64 6.86 -17.87
CA ALA A 10 -37.23 7.94 -17.07
C ALA A 10 -36.94 7.79 -15.58
N ASN A 11 -36.81 6.56 -15.09
CA ASN A 11 -36.60 6.32 -13.67
C ASN A 11 -35.31 5.57 -13.33
N CYS A 12 -34.49 5.21 -14.33
CA CYS A 12 -33.30 4.41 -14.06
C CYS A 12 -32.29 5.09 -13.15
N GLU A 13 -32.36 6.41 -12.98
CA GLU A 13 -31.45 7.07 -12.05
C GLU A 13 -31.79 6.79 -10.59
N ASP A 14 -33.01 6.36 -10.30
CA ASP A 14 -33.45 6.02 -8.96
C ASP A 14 -33.52 4.52 -8.71
N GLU A 15 -33.12 3.70 -9.68
CA GLU A 15 -33.24 2.25 -9.54
C GLU A 15 -32.43 1.73 -8.36
N PRO A 16 -33.05 0.97 -7.45
CA PRO A 16 -32.38 0.37 -6.27
C PRO A 16 -31.63 -0.91 -6.63
N ILE A 17 -30.55 -0.74 -7.39
CA ILE A 17 -29.76 -1.88 -7.87
C ILE A 17 -29.06 -2.66 -6.77
N HIS A 18 -29.01 -2.14 -5.54
CA HIS A 18 -28.40 -2.86 -4.43
C HIS A 18 -29.33 -3.91 -3.85
N VAL A 19 -30.63 -3.78 -4.06
CA VAL A 19 -31.62 -4.74 -3.56
C VAL A 19 -32.40 -5.34 -4.72
N PRO A 20 -31.75 -5.98 -5.69
CA PRO A 20 -32.48 -6.52 -6.83
C PRO A 20 -33.32 -7.75 -6.51
N GLY A 21 -33.06 -8.41 -5.39
CA GLY A 21 -33.81 -9.61 -5.07
C GLY A 21 -33.55 -10.77 -6.00
N ALA A 22 -32.42 -10.77 -6.68
CA ALA A 22 -32.07 -11.84 -7.60
C ALA A 22 -30.56 -11.87 -7.73
N ILE A 23 -30.04 -12.96 -8.28
CA ILE A 23 -28.61 -13.16 -8.46
C ILE A 23 -28.32 -13.72 -9.84
N GLN A 24 -27.06 -13.68 -10.22
CA GLN A 24 -26.60 -14.26 -11.48
C GLN A 24 -26.61 -15.78 -11.37
N PRO A 25 -27.05 -16.49 -12.41
CA PRO A 25 -27.19 -17.96 -12.32
C PRO A 25 -25.89 -18.74 -12.23
N HIS A 26 -24.71 -18.12 -12.28
CA HIS A 26 -23.49 -18.92 -12.19
C HIS A 26 -23.18 -19.35 -10.76
N GLY A 27 -24.01 -18.98 -9.78
CA GLY A 27 -23.81 -19.37 -8.41
C GLY A 27 -25.12 -19.36 -7.66
N ALA A 28 -25.05 -19.76 -6.39
CA ALA A 28 -26.21 -19.82 -5.51
C ALA A 28 -25.95 -19.00 -4.26
N LEU A 29 -27.00 -18.38 -3.73
CA LEU A 29 -26.91 -17.54 -2.54
C LEU A 29 -27.85 -18.03 -1.45
N VAL A 30 -27.31 -18.18 -0.25
CA VAL A 30 -28.06 -18.55 0.95
C VAL A 30 -27.97 -17.41 1.93
N THR A 31 -29.11 -16.95 2.43
CA THR A 31 -29.15 -15.90 3.43
C THR A 31 -29.48 -16.51 4.78
N LEU A 32 -28.77 -16.07 5.82
CA LEU A 32 -28.93 -16.64 7.15
C LEU A 32 -29.04 -15.54 8.20
N ARG A 33 -29.73 -15.86 9.29
CA ARG A 33 -29.88 -14.98 10.43
C ARG A 33 -28.66 -15.13 11.34
N ALA A 34 -28.48 -14.16 12.25
CA ALA A 34 -27.35 -14.18 13.17
C ALA A 34 -27.29 -15.44 14.03
N ASP A 35 -28.36 -16.23 14.09
CA ASP A 35 -28.34 -17.50 14.81
C ASP A 35 -28.12 -18.70 13.90
N GLY A 36 -27.93 -18.48 12.60
CA GLY A 36 -27.74 -19.54 11.65
C GLY A 36 -29.01 -20.03 10.99
N MET A 37 -30.16 -19.45 11.32
CA MET A 37 -31.41 -19.85 10.70
C MET A 37 -31.49 -19.32 9.28
N VAL A 38 -31.96 -20.15 8.36
CA VAL A 38 -32.09 -19.73 6.97
C VAL A 38 -33.22 -18.71 6.86
N LEU A 39 -32.92 -17.56 6.26
CA LEU A 39 -33.91 -16.53 6.03
C LEU A 39 -34.50 -16.62 4.62
N ALA A 40 -33.63 -16.79 3.62
CA ALA A 40 -34.05 -16.87 2.23
C ALA A 40 -32.94 -17.54 1.43
N ALA A 41 -33.32 -18.08 0.28
CA ALA A 41 -32.35 -18.73 -0.59
C ALA A 41 -32.75 -18.51 -2.04
N SER A 42 -31.78 -18.64 -2.94
CA SER A 42 -32.04 -18.48 -4.36
C SER A 42 -32.75 -19.71 -4.91
N GLU A 43 -33.63 -19.46 -5.89
CA GLU A 43 -34.42 -20.52 -6.52
C GLU A 43 -33.57 -21.59 -7.22
N ASN A 44 -32.28 -21.36 -7.44
CA ASN A 44 -31.40 -22.32 -8.08
C ASN A 44 -30.62 -23.17 -7.09
N ILE A 45 -30.83 -22.97 -5.80
CA ILE A 45 -30.07 -23.68 -4.75
C ILE A 45 -30.12 -25.18 -4.93
N GLN A 46 -31.27 -25.73 -5.30
CA GLN A 46 -31.37 -27.18 -5.51
C GLN A 46 -30.59 -27.62 -6.75
N ALA A 47 -30.59 -26.81 -7.81
CA ALA A 47 -29.90 -27.17 -9.04
C ALA A 47 -28.39 -27.24 -8.85
N LEU A 48 -27.81 -26.33 -8.07
CA LEU A 48 -26.36 -26.36 -7.86
C LEU A 48 -25.92 -27.17 -6.65
N LEU A 49 -26.60 -27.06 -5.51
CA LEU A 49 -26.14 -27.69 -4.29
C LEU A 49 -26.84 -29.01 -3.96
N GLY A 50 -27.97 -29.31 -4.60
CA GLY A 50 -28.64 -30.57 -4.35
C GLY A 50 -29.50 -30.63 -3.10
N PHE A 51 -29.67 -29.54 -2.39
CA PHE A 51 -30.49 -29.53 -1.18
C PHE A 51 -31.37 -28.28 -1.20
N VAL A 52 -32.42 -28.30 -0.39
CA VAL A 52 -33.34 -27.18 -0.26
C VAL A 52 -33.15 -26.53 1.10
N ALA A 53 -32.92 -25.23 1.10
CA ALA A 53 -32.77 -24.43 2.32
C ALA A 53 -34.13 -23.80 2.61
N SER A 54 -34.97 -24.53 3.33
CA SER A 54 -36.30 -24.02 3.63
C SER A 54 -36.19 -22.95 4.71
N PRO A 55 -36.82 -21.79 4.52
CA PRO A 55 -36.76 -20.74 5.54
C PRO A 55 -37.16 -21.25 6.92
N GLY A 56 -36.35 -20.90 7.91
CA GLY A 56 -36.55 -21.33 9.28
C GLY A 56 -35.74 -22.55 9.67
N SER A 57 -35.16 -23.25 8.70
CA SER A 57 -34.34 -24.43 8.99
C SER A 57 -32.88 -24.01 9.19
N TYR A 58 -32.07 -24.97 9.61
CA TYR A 58 -30.64 -24.77 9.85
C TYR A 58 -29.84 -25.69 8.94
N LEU A 59 -28.69 -25.20 8.48
CA LEU A 59 -27.83 -25.99 7.62
C LEU A 59 -27.19 -27.13 8.41
N THR A 60 -27.08 -28.29 7.77
CA THR A 60 -26.52 -29.47 8.40
C THR A 60 -25.27 -29.93 7.66
N GLN A 61 -24.44 -30.69 8.38
CA GLN A 61 -23.21 -31.22 7.80
C GLN A 61 -23.49 -32.09 6.58
N GLU A 62 -24.64 -32.75 6.55
CA GLU A 62 -25.01 -33.56 5.40
C GLU A 62 -25.22 -32.72 4.15
N GLN A 63 -25.61 -31.46 4.32
CA GLN A 63 -25.87 -30.57 3.18
C GLN A 63 -24.63 -29.85 2.67
N VAL A 64 -23.89 -29.17 3.53
CA VAL A 64 -22.75 -28.36 3.11
C VAL A 64 -21.41 -28.87 3.62
N GLY A 65 -21.37 -29.87 4.48
CA GLY A 65 -20.12 -30.36 5.00
C GLY A 65 -19.58 -29.61 6.20
N PRO A 66 -18.62 -30.22 6.89
CA PRO A 66 -18.07 -29.58 8.11
C PRO A 66 -17.28 -28.31 7.86
N GLU A 67 -16.62 -28.16 6.72
CA GLU A 67 -15.82 -26.97 6.47
C GLU A 67 -16.68 -25.71 6.42
N VAL A 68 -17.82 -25.79 5.72
CA VAL A 68 -18.71 -24.64 5.62
C VAL A 68 -19.33 -24.32 6.97
N LEU A 69 -19.72 -25.33 7.73
CA LEU A 69 -20.31 -25.09 9.04
C LEU A 69 -19.29 -24.50 10.01
N ARG A 70 -18.05 -24.99 9.98
CA ARG A 70 -17.01 -24.42 10.85
C ARG A 70 -16.73 -22.96 10.50
N MET A 71 -16.65 -22.66 9.21
CA MET A 71 -16.45 -21.27 8.78
C MET A 71 -17.62 -20.39 9.22
N LEU A 72 -18.84 -20.89 9.01
CA LEU A 72 -20.04 -20.14 9.39
C LEU A 72 -20.09 -19.92 10.90
N GLU A 73 -19.82 -20.96 11.68
CA GLU A 73 -19.79 -20.83 13.13
C GLU A 73 -18.81 -19.77 13.57
N GLU A 74 -17.62 -19.76 12.98
CA GLU A 74 -16.63 -18.72 13.27
C GLU A 74 -17.17 -17.34 12.92
N GLY A 75 -17.89 -17.24 11.80
CA GLY A 75 -18.45 -15.96 11.40
C GLY A 75 -19.56 -15.48 12.31
N LEU A 76 -20.46 -16.38 12.71
CA LEU A 76 -21.56 -16.03 13.59
C LEU A 76 -21.09 -15.69 14.99
N THR A 77 -20.01 -16.32 15.45
CA THR A 77 -19.50 -16.04 16.78
C THR A 77 -18.51 -14.88 16.81
N GLY A 78 -17.97 -14.49 15.65
CA GLY A 78 -17.04 -13.40 15.60
C GLY A 78 -17.72 -12.06 15.80
N ASN A 79 -16.91 -11.09 16.25
CA ASN A 79 -17.37 -9.73 16.52
C ASN A 79 -16.97 -8.81 15.37
N GLY A 80 -17.96 -8.18 14.75
CA GLY A 80 -17.73 -7.27 13.66
C GLY A 80 -17.97 -7.86 12.29
N PRO A 81 -17.58 -7.14 11.25
CA PRO A 81 -17.76 -7.65 9.88
C PRO A 81 -17.01 -8.96 9.68
N TRP A 82 -17.65 -9.88 8.96
CA TRP A 82 -17.08 -11.17 8.65
C TRP A 82 -16.93 -11.33 7.14
N SER A 83 -15.85 -12.02 6.74
CA SER A 83 -15.57 -12.28 5.34
C SER A 83 -14.58 -13.41 5.28
N ASN A 84 -14.99 -14.56 4.72
CA ASN A 84 -14.12 -15.71 4.64
C ASN A 84 -14.61 -16.61 3.51
N SER A 85 -13.75 -17.53 3.10
CA SER A 85 -14.13 -18.50 2.08
C SER A 85 -13.38 -19.80 2.32
N VAL A 86 -13.98 -20.90 1.86
CA VAL A 86 -13.42 -22.22 1.98
C VAL A 86 -13.71 -23.00 0.71
N GLU A 87 -12.88 -24.00 0.45
CA GLU A 87 -13.05 -24.87 -0.69
C GLU A 87 -13.72 -26.16 -0.21
N THR A 88 -14.80 -26.55 -0.86
CA THR A 88 -15.50 -27.75 -0.45
C THR A 88 -16.17 -28.39 -1.66
N ARG A 89 -16.31 -29.72 -1.60
CA ARG A 89 -17.00 -30.48 -2.62
C ARG A 89 -18.44 -30.69 -2.17
N ILE A 90 -19.38 -30.13 -2.91
CA ILE A 90 -20.80 -30.27 -2.60
C ILE A 90 -21.46 -30.97 -3.78
N GLY A 91 -22.03 -32.12 -3.53
CA GLY A 91 -22.65 -32.89 -4.58
C GLY A 91 -21.66 -33.29 -5.66
N GLU A 92 -21.90 -32.86 -6.89
CA GLU A 92 -21.07 -33.19 -8.03
C GLU A 92 -19.98 -32.17 -8.35
N HIS A 93 -19.95 -31.02 -7.67
CA HIS A 93 -18.98 -29.98 -8.03
C HIS A 93 -18.19 -29.48 -6.83
N LEU A 94 -17.01 -28.95 -7.14
CA LEU A 94 -16.14 -28.28 -6.18
C LEU A 94 -16.53 -26.81 -6.17
N PHE A 95 -16.75 -26.27 -4.97
CA PHE A 95 -17.22 -24.90 -4.85
C PHE A 95 -16.29 -24.01 -4.06
N ASP A 96 -16.30 -22.73 -4.43
CA ASP A 96 -15.65 -21.65 -3.70
C ASP A 96 -16.78 -21.00 -2.93
N VAL A 97 -16.90 -21.30 -1.64
CA VAL A 97 -17.98 -20.77 -0.82
C VAL A 97 -17.49 -19.49 -0.17
N ILE A 98 -18.07 -18.35 -0.55
CA ILE A 98 -17.70 -17.05 -0.02
C ILE A 98 -18.78 -16.64 0.98
N GLY A 99 -18.37 -16.38 2.22
CA GLY A 99 -19.27 -15.95 3.27
C GLY A 99 -19.00 -14.51 3.68
N HIS A 100 -20.07 -13.78 3.95
CA HIS A 100 -19.95 -12.40 4.41
C HIS A 100 -21.23 -12.05 5.16
N SER A 101 -21.16 -10.97 5.93
CA SER A 101 -22.30 -10.48 6.68
C SER A 101 -22.50 -9.00 6.42
N TYR A 102 -23.76 -8.59 6.29
CA TYR A 102 -24.10 -7.19 6.08
C TYR A 102 -25.45 -6.92 6.74
N LYS A 103 -25.54 -5.78 7.41
CA LYS A 103 -26.75 -5.35 8.13
C LYS A 103 -27.31 -6.47 9.00
N GLU A 104 -26.41 -7.14 9.72
CA GLU A 104 -26.70 -8.26 10.62
C GLU A 104 -27.18 -9.50 9.89
N VAL A 105 -27.16 -9.53 8.56
CA VAL A 105 -27.58 -10.69 7.78
C VAL A 105 -26.33 -11.39 7.25
N PHE A 106 -26.33 -12.72 7.33
CA PHE A 106 -25.21 -13.52 6.85
C PHE A 106 -25.57 -14.18 5.52
N TYR A 107 -24.63 -14.14 4.58
CA TYR A 107 -24.83 -14.70 3.26
C TYR A 107 -23.74 -15.72 2.94
N LEU A 108 -24.14 -16.79 2.25
CA LEU A 108 -23.22 -17.82 1.77
C LEU A 108 -23.44 -17.93 0.27
N GLU A 109 -22.38 -17.69 -0.49
CA GLU A 109 -22.44 -17.77 -1.95
C GLU A 109 -21.59 -18.92 -2.45
N PHE A 110 -22.21 -19.86 -3.14
CA PHE A 110 -21.53 -21.05 -3.65
C PHE A 110 -21.24 -20.84 -5.13
N GLU A 111 -19.96 -20.86 -5.49
CA GLU A 111 -19.52 -20.66 -6.87
C GLU A 111 -18.77 -21.89 -7.37
N ILE A 112 -19.24 -22.46 -8.48
CA ILE A 112 -18.60 -23.66 -9.04
C ILE A 112 -17.23 -23.29 -9.58
N ARG A 113 -16.21 -24.06 -9.23
CA ARG A 113 -14.86 -23.85 -9.74
C ARG A 113 -14.72 -24.53 -11.09
N THR A 114 -14.68 -23.74 -12.16
CA THR A 114 -14.59 -24.25 -13.52
C THR A 114 -13.17 -24.64 -13.94
N ALA A 115 -12.14 -24.24 -13.19
CA ALA A 115 -10.77 -24.54 -13.54
C ALA A 115 -10.09 -25.38 -12.46
N ASP A 116 -9.11 -26.17 -12.88
CA ASP A 116 -8.36 -27.03 -11.99
C ASP A 116 -7.41 -26.18 -11.13
N THR A 117 -6.68 -26.85 -10.24
CA THR A 117 -5.70 -26.14 -9.42
C THR A 117 -4.59 -25.57 -10.29
N LEU A 118 -4.08 -26.38 -11.21
CA LEU A 118 -3.16 -25.90 -12.23
C LEU A 118 -3.91 -24.86 -13.06
N SER A 119 -3.15 -23.97 -13.72
CA SER A 119 -3.71 -22.84 -14.45
C SER A 119 -4.17 -21.79 -13.44
N ILE A 120 -4.95 -22.18 -12.42
CA ILE A 120 -5.31 -21.23 -11.38
C ILE A 120 -4.08 -20.75 -10.65
N THR A 121 -3.16 -21.66 -10.30
CA THR A 121 -1.93 -21.26 -9.63
C THR A 121 -1.10 -20.32 -10.52
N SER A 122 -1.01 -20.62 -11.81
CA SER A 122 -0.27 -19.78 -12.75
C SER A 122 -0.91 -18.41 -12.92
N PHE A 123 -2.24 -18.37 -12.98
CA PHE A 123 -2.98 -17.12 -13.12
C PHE A 123 -2.83 -16.27 -11.86
N THR A 124 -2.84 -16.92 -10.70
CA THR A 124 -2.62 -16.23 -9.44
C THR A 124 -1.21 -15.66 -9.37
N LEU A 125 -0.22 -16.45 -9.80
CA LEU A 125 1.15 -15.98 -9.84
C LEU A 125 1.28 -14.76 -10.76
N ASN A 126 0.66 -14.81 -11.94
CA ASN A 126 0.70 -13.66 -12.84
C ASN A 126 0.08 -12.42 -12.19
N ALA A 127 -1.07 -12.58 -11.54
CA ALA A 127 -1.70 -11.46 -10.85
C ALA A 127 -0.77 -10.91 -9.76
N GLN A 128 -0.14 -11.81 -9.01
CA GLN A 128 0.79 -11.41 -7.97
C GLN A 128 2.00 -10.69 -8.55
N ARG A 129 2.45 -11.09 -9.74
CA ARG A 129 3.54 -10.38 -10.39
C ARG A 129 3.09 -8.96 -10.74
N ILE A 130 1.86 -8.80 -11.22
CA ILE A 130 1.36 -7.45 -11.47
C ILE A 130 1.38 -6.64 -10.18
N ILE A 131 0.88 -7.24 -9.09
CA ILE A 131 0.83 -6.55 -7.80
C ILE A 131 2.23 -6.08 -7.40
N ALA A 132 3.23 -6.92 -7.64
CA ALA A 132 4.62 -6.55 -7.31
C ALA A 132 5.21 -5.55 -8.31
N GLN A 133 4.91 -5.72 -9.60
CA GLN A 133 5.46 -4.83 -10.63
C GLN A 133 4.85 -3.43 -10.60
N VAL A 134 3.57 -3.30 -10.24
CA VAL A 134 2.91 -2.00 -10.24
C VAL A 134 3.53 -1.01 -9.27
N GLN A 135 4.25 -1.48 -8.26
CA GLN A 135 4.94 -0.58 -7.36
C GLN A 135 6.13 0.13 -8.00
N LEU A 136 6.57 -0.31 -9.18
CA LEU A 136 7.72 0.27 -9.86
C LEU A 136 7.38 1.44 -10.78
N HIS A 137 6.09 1.76 -10.97
CA HIS A 137 5.71 2.86 -11.84
C HIS A 137 5.84 4.20 -11.11
N ASN A 138 6.34 5.19 -11.84
CA ASN A 138 6.56 6.54 -11.32
C ASN A 138 5.56 7.56 -11.83
N ASP A 139 4.63 7.16 -12.70
CA ASP A 139 3.63 8.09 -13.21
C ASP A 139 2.33 7.34 -13.46
N THR A 140 1.22 8.04 -13.25
CA THR A 140 -0.10 7.41 -13.38
C THR A 140 -0.41 6.97 -14.81
N ALA A 141 -0.03 7.78 -15.81
CA ALA A 141 -0.31 7.38 -17.19
C ALA A 141 0.43 6.09 -17.57
N SER A 142 1.69 5.98 -17.16
CA SER A 142 2.46 4.77 -17.43
C SER A 142 1.86 3.58 -16.69
N LEU A 143 1.43 3.81 -15.46
CA LEU A 143 0.81 2.77 -14.66
C LEU A 143 -0.45 2.24 -15.34
N LEU A 144 -1.38 3.14 -15.65
CA LEU A 144 -2.63 2.72 -16.29
C LEU A 144 -2.39 2.00 -17.60
N SER A 145 -1.49 2.52 -18.45
CA SER A 145 -1.23 1.87 -19.73
C SER A 145 -0.61 0.48 -19.57
N ASN A 146 0.42 0.37 -18.75
CA ASN A 146 1.07 -0.92 -18.54
C ASN A 146 0.15 -1.92 -17.87
N VAL A 147 -0.63 -1.48 -16.87
CA VAL A 147 -1.57 -2.39 -16.22
C VAL A 147 -2.63 -2.85 -17.21
N THR A 148 -3.12 -1.95 -18.06
CA THR A 148 -4.14 -2.34 -19.03
C THR A 148 -3.62 -3.40 -19.99
N ASP A 149 -2.37 -3.26 -20.44
CA ASP A 149 -1.81 -4.24 -21.35
C ASP A 149 -1.48 -5.56 -20.65
N GLU A 150 -0.97 -5.51 -19.41
CA GLU A 150 -0.65 -6.75 -18.73
C GLU A 150 -1.90 -7.48 -18.27
N LEU A 151 -2.93 -6.74 -17.84
CA LEU A 151 -4.21 -7.36 -17.51
C LEU A 151 -4.82 -8.05 -18.72
N ARG A 152 -4.71 -7.43 -19.90
CA ARG A 152 -5.23 -8.10 -21.07
C ARG A 152 -4.41 -9.36 -21.38
N ARG A 153 -3.08 -9.26 -21.29
CA ARG A 153 -2.23 -10.42 -21.55
C ARG A 153 -2.57 -11.59 -20.62
N MET A 154 -2.76 -11.33 -19.34
CA MET A 154 -3.09 -12.40 -18.39
C MET A 154 -4.51 -12.94 -18.59
N THR A 155 -5.50 -12.06 -18.54
CA THR A 155 -6.88 -12.53 -18.60
C THR A 155 -7.30 -12.96 -19.99
N GLY A 156 -6.72 -12.36 -21.03
CA GLY A 156 -7.16 -12.68 -22.37
C GLY A 156 -8.47 -12.04 -22.76
N TYR A 157 -8.90 -11.02 -22.02
CA TYR A 157 -10.12 -10.30 -22.34
C TYR A 157 -9.98 -9.64 -23.71
N ASP A 158 -11.06 -9.64 -24.47
CA ASP A 158 -11.03 -9.03 -25.80
C ASP A 158 -10.72 -7.55 -25.73
N ARG A 159 -11.13 -6.87 -24.65
CA ARG A 159 -10.83 -5.46 -24.49
C ARG A 159 -10.61 -5.18 -23.01
N VAL A 160 -9.67 -4.30 -22.73
CA VAL A 160 -9.44 -3.78 -21.39
C VAL A 160 -9.28 -2.28 -21.50
N MET A 161 -9.95 -1.54 -20.63
CA MET A 161 -9.89 -0.08 -20.66
C MET A 161 -9.66 0.43 -19.25
N ALA A 162 -9.07 1.61 -19.16
CA ALA A 162 -8.92 2.30 -17.88
C ALA A 162 -9.74 3.59 -17.96
N TYR A 163 -10.81 3.66 -17.17
CA TYR A 163 -11.60 4.87 -17.10
C TYR A 163 -11.00 5.79 -16.04
N ARG A 164 -11.03 7.08 -16.32
CA ARG A 164 -10.59 8.08 -15.34
C ARG A 164 -11.73 9.06 -15.19
N PHE A 165 -12.31 9.12 -13.99
CA PHE A 165 -13.45 9.99 -13.73
C PHE A 165 -13.00 11.40 -13.38
N ARG A 166 -13.75 12.37 -13.88
CA ARG A 166 -13.46 13.78 -13.72
C ARG A 166 -14.28 14.40 -12.60
N HIS A 167 -14.04 15.70 -12.37
CA HIS A 167 -14.69 16.47 -11.32
C HIS A 167 -16.20 16.38 -11.36
N ASP A 168 -16.78 16.21 -12.54
CA ASP A 168 -18.23 16.10 -12.70
C ASP A 168 -18.68 14.65 -12.87
N ASP A 169 -17.85 13.70 -12.45
CA ASP A 169 -18.07 12.26 -12.54
C ASP A 169 -18.09 11.71 -13.96
N SER A 170 -17.91 12.54 -14.98
CA SER A 170 -17.86 12.03 -16.34
C SER A 170 -16.64 11.12 -16.50
N GLY A 171 -16.77 10.12 -17.37
CA GLY A 171 -15.69 9.19 -17.61
C GLY A 171 -14.95 9.41 -18.91
N GLU A 172 -13.74 8.86 -18.98
CA GLU A 172 -12.87 8.97 -20.14
C GLU A 172 -12.02 7.72 -20.25
N VAL A 173 -11.98 7.11 -21.43
CA VAL A 173 -11.13 5.95 -21.67
C VAL A 173 -9.72 6.46 -21.94
N VAL A 174 -8.90 6.54 -20.88
CA VAL A 174 -7.54 7.06 -21.02
C VAL A 174 -6.55 6.02 -21.52
N ALA A 175 -6.87 4.73 -21.44
CA ALA A 175 -5.98 3.70 -21.95
C ALA A 175 -6.82 2.53 -22.42
N GLU A 176 -6.32 1.83 -23.44
CA GLU A 176 -7.04 0.70 -23.98
C GLU A 176 -6.08 -0.35 -24.51
N SER A 177 -6.52 -1.60 -24.44
CA SER A 177 -5.88 -2.74 -25.08
C SER A 177 -7.04 -3.54 -25.66
N ARG A 178 -6.95 -3.90 -26.94
CA ARG A 178 -8.07 -4.58 -27.57
C ARG A 178 -7.61 -5.55 -28.64
N ARG A 179 -8.52 -6.45 -28.99
CA ARG A 179 -8.31 -7.39 -30.07
C ARG A 179 -8.12 -6.61 -31.38
N GLU A 180 -7.39 -7.23 -32.32
CA GLU A 180 -7.08 -6.55 -33.58
C GLU A 180 -8.33 -6.11 -34.34
N ASP A 181 -9.38 -6.91 -34.33
CA ASP A 181 -10.60 -6.59 -35.06
C ASP A 181 -11.61 -5.74 -34.30
N LEU A 182 -11.35 -5.39 -33.04
CA LEU A 182 -12.31 -4.61 -32.28
C LEU A 182 -12.17 -3.11 -32.50
N GLU A 183 -13.31 -2.43 -32.53
CA GLU A 183 -13.35 -0.98 -32.64
C GLU A 183 -12.76 -0.34 -31.38
N SER A 184 -11.93 0.68 -31.58
CA SER A 184 -11.32 1.36 -30.45
C SER A 184 -12.24 2.41 -29.85
N TYR A 185 -12.26 2.47 -28.52
CA TYR A 185 -13.01 3.47 -27.75
C TYR A 185 -12.09 4.47 -27.05
N LEU A 186 -10.79 4.42 -27.31
CA LEU A 186 -9.85 5.32 -26.66
C LEU A 186 -10.26 6.78 -26.85
N GLY A 187 -10.25 7.53 -25.75
CA GLY A 187 -10.66 8.91 -25.79
C GLY A 187 -12.15 9.18 -25.73
N GLN A 188 -12.97 8.13 -25.68
CA GLN A 188 -14.41 8.33 -25.54
C GLN A 188 -14.76 8.96 -24.21
N ARG A 189 -15.75 9.84 -24.22
CA ARG A 189 -16.31 10.48 -23.05
C ARG A 189 -17.75 10.05 -22.85
N TYR A 190 -18.20 10.04 -21.60
CA TYR A 190 -19.61 9.76 -21.33
C TYR A 190 -20.05 10.47 -20.07
N PRO A 191 -21.34 10.81 -19.95
CA PRO A 191 -21.81 11.61 -18.82
C PRO A 191 -21.85 10.82 -17.52
N ALA A 192 -21.97 11.57 -16.42
CA ALA A 192 -22.08 10.96 -15.10
C ALA A 192 -23.32 10.08 -14.98
N SER A 193 -24.40 10.44 -15.70
CA SER A 193 -25.63 9.66 -15.67
C SER A 193 -25.45 8.25 -16.20
N ASP A 194 -24.33 7.95 -16.87
CA ASP A 194 -24.07 6.59 -17.32
C ASP A 194 -23.74 5.65 -16.17
N ILE A 195 -23.38 6.19 -15.02
CA ILE A 195 -23.11 5.42 -13.80
C ILE A 195 -23.79 6.12 -12.65
N PRO A 196 -25.03 5.75 -12.30
CA PRO A 196 -25.76 6.45 -11.25
C PRO A 196 -25.08 6.36 -9.90
N ALA A 197 -25.45 7.30 -9.03
CA ALA A 197 -24.89 7.41 -7.67
C ALA A 197 -24.85 6.07 -6.95
N GLN A 198 -25.86 5.23 -7.16
CA GLN A 198 -25.86 3.91 -6.51
C GLN A 198 -24.80 3.00 -7.11
N ALA A 199 -24.63 3.03 -8.43
CA ALA A 199 -23.59 2.21 -9.05
C ALA A 199 -22.21 2.70 -8.63
N ARG A 200 -22.01 4.01 -8.55
CA ARG A 200 -20.74 4.54 -8.08
C ARG A 200 -20.47 4.10 -6.64
N ARG A 201 -21.50 4.18 -5.79
CA ARG A 201 -21.35 3.74 -4.40
C ARG A 201 -20.94 2.28 -4.33
N LEU A 202 -21.55 1.43 -5.15
CA LEU A 202 -21.20 0.02 -5.16
C LEU A 202 -19.79 -0.22 -5.68
N TYR A 203 -19.37 0.53 -6.71
CA TYR A 203 -17.99 0.42 -7.18
C TYR A 203 -16.99 0.91 -6.15
N ILE A 204 -17.41 1.79 -5.24
CA ILE A 204 -16.52 2.25 -4.20
C ILE A 204 -16.45 1.24 -3.05
N GLN A 205 -17.60 0.67 -2.68
CA GLN A 205 -17.66 -0.30 -1.60
C GLN A 205 -17.10 -1.66 -2.01
N ASN A 206 -17.38 -2.11 -3.23
CA ASN A 206 -16.91 -3.43 -3.67
C ASN A 206 -15.81 -3.30 -4.72
N PRO A 207 -14.58 -3.71 -4.41
CA PRO A 207 -13.46 -3.52 -5.36
C PRO A 207 -13.54 -4.37 -6.62
N ILE A 208 -14.30 -5.46 -6.66
CA ILE A 208 -14.40 -6.30 -7.85
C ILE A 208 -15.85 -6.51 -8.20
N ARG A 209 -16.19 -6.31 -9.47
CA ARG A 209 -17.53 -6.55 -10.00
C ARG A 209 -17.37 -7.42 -11.24
N LEU A 210 -18.12 -8.52 -11.29
CA LEU A 210 -18.03 -9.45 -12.42
C LEU A 210 -19.42 -9.73 -13.00
N ILE A 211 -19.49 -9.76 -14.32
CA ILE A 211 -20.71 -10.07 -15.06
C ILE A 211 -20.35 -11.23 -15.99
N ALA A 212 -20.69 -12.46 -15.58
CA ALA A 212 -20.31 -13.64 -16.35
C ALA A 212 -21.01 -13.73 -17.69
N ASP A 213 -22.26 -13.30 -17.80
CA ASP A 213 -22.97 -13.36 -19.07
C ASP A 213 -24.08 -12.32 -19.02
N VAL A 214 -23.95 -11.28 -19.86
CA VAL A 214 -24.95 -10.20 -19.91
C VAL A 214 -26.32 -10.72 -20.33
N ALA A 215 -26.37 -11.80 -21.11
CA ALA A 215 -27.63 -12.37 -21.57
C ALA A 215 -28.32 -13.24 -20.53
N TYR A 216 -27.79 -13.28 -19.31
CA TYR A 216 -28.34 -14.13 -18.27
C TYR A 216 -29.76 -13.74 -17.89
N THR A 217 -30.47 -14.68 -17.24
CA THR A 217 -31.77 -14.43 -16.65
C THR A 217 -31.60 -14.49 -15.14
N PRO A 218 -31.86 -13.40 -14.42
CA PRO A 218 -31.66 -13.41 -12.96
C PRO A 218 -32.50 -14.46 -12.24
N MET A 219 -31.86 -15.12 -11.27
CA MET A 219 -32.52 -16.09 -10.40
C MET A 219 -33.01 -15.35 -9.16
N ARG A 220 -34.33 -15.35 -8.95
CA ARG A 220 -34.91 -14.61 -7.84
C ARG A 220 -34.61 -15.24 -6.49
N VAL A 221 -34.66 -14.41 -5.46
CA VAL A 221 -34.48 -14.79 -4.07
C VAL A 221 -35.85 -14.79 -3.40
N PHE A 222 -36.19 -15.90 -2.75
CA PHE A 222 -37.48 -16.04 -2.08
C PHE A 222 -37.28 -16.39 -0.61
N PRO A 223 -37.95 -15.69 0.32
CA PRO A 223 -38.87 -14.55 0.14
C PRO A 223 -38.19 -13.28 -0.35
N ALA A 224 -38.96 -12.38 -0.96
CA ALA A 224 -38.39 -11.14 -1.47
C ALA A 224 -38.07 -10.15 -0.36
N LEU A 225 -38.78 -10.22 0.77
CA LEU A 225 -38.57 -9.33 1.90
C LEU A 225 -38.05 -10.09 3.11
N ASN A 226 -37.16 -9.44 3.86
CA ASN A 226 -36.59 -10.02 5.07
C ASN A 226 -37.71 -10.26 6.10
N PRO A 227 -37.94 -11.51 6.51
CA PRO A 227 -38.99 -11.75 7.52
C PRO A 227 -38.76 -11.03 8.84
N GLU A 228 -37.52 -10.65 9.15
CA GLU A 228 -37.25 -9.96 10.41
C GLU A 228 -37.52 -8.46 10.33
N THR A 229 -37.32 -7.83 9.17
CA THR A 229 -37.55 -6.39 9.04
C THR A 229 -38.56 -6.02 7.97
N ASN A 230 -39.06 -6.97 7.18
CA ASN A 230 -39.99 -6.73 6.08
C ASN A 230 -39.40 -5.82 5.01
N GLU A 231 -38.08 -5.75 4.92
CA GLU A 231 -37.38 -4.95 3.92
C GLU A 231 -36.55 -5.87 3.02
N SER A 232 -36.29 -5.39 1.81
CA SER A 232 -35.50 -6.15 0.86
C SER A 232 -34.09 -6.39 1.37
N PHE A 233 -33.55 -7.57 1.08
CA PHE A 233 -32.19 -7.92 1.48
C PHE A 233 -31.17 -7.05 0.75
N ASP A 234 -30.31 -6.37 1.51
CA ASP A 234 -29.28 -5.52 0.93
C ASP A 234 -28.13 -6.41 0.46
N LEU A 235 -27.97 -6.53 -0.86
CA LEU A 235 -26.93 -7.34 -1.50
C LEU A 235 -25.72 -6.52 -1.93
N SER A 236 -25.52 -5.34 -1.35
CA SER A 236 -24.43 -4.45 -1.75
C SER A 236 -23.07 -5.14 -1.84
N TYR A 237 -22.80 -6.12 -0.98
CA TYR A 237 -21.51 -6.82 -1.01
C TYR A 237 -21.56 -8.17 -1.70
N SER A 238 -22.72 -8.59 -2.20
CA SER A 238 -22.80 -9.88 -2.87
C SER A 238 -22.05 -9.83 -4.19
N VAL A 239 -21.34 -10.92 -4.51
CA VAL A 239 -20.59 -10.99 -5.76
C VAL A 239 -21.46 -11.53 -6.88
N LEU A 240 -22.55 -12.21 -6.56
CA LEU A 240 -23.51 -12.73 -7.52
C LEU A 240 -24.65 -11.76 -7.79
N ARG A 241 -24.65 -10.58 -7.17
CA ARG A 241 -25.71 -9.60 -7.32
C ARG A 241 -26.09 -9.38 -8.78
N SER A 242 -27.39 -9.34 -9.04
CA SER A 242 -27.93 -9.11 -10.37
C SER A 242 -27.44 -7.80 -10.99
N VAL A 243 -27.58 -7.71 -12.31
CA VAL A 243 -27.18 -6.55 -13.10
C VAL A 243 -28.44 -5.83 -13.56
N SER A 244 -28.41 -4.50 -13.49
CA SER A 244 -29.54 -3.70 -13.96
C SER A 244 -29.94 -4.09 -15.38
N PRO A 245 -31.24 -4.12 -15.68
CA PRO A 245 -31.67 -4.38 -17.07
C PRO A 245 -31.09 -3.41 -18.10
N ILE A 246 -30.91 -2.16 -17.72
CA ILE A 246 -30.44 -1.15 -18.67
C ILE A 246 -28.96 -1.29 -18.97
N HIS A 247 -28.14 -1.65 -17.99
CA HIS A 247 -26.74 -1.93 -18.32
C HIS A 247 -26.57 -3.23 -19.11
N CYS A 248 -27.43 -4.22 -18.88
CA CYS A 248 -27.44 -5.39 -19.75
C CYS A 248 -27.83 -5.04 -21.17
N GLU A 249 -28.81 -4.15 -21.35
CA GLU A 249 -29.14 -3.65 -22.68
C GLU A 249 -27.98 -2.89 -23.30
N TYR A 250 -27.37 -1.98 -22.55
CA TYR A 250 -26.23 -1.21 -23.03
C TYR A 250 -25.11 -2.13 -23.53
N LEU A 251 -24.66 -3.05 -22.69
CA LEU A 251 -23.59 -3.95 -23.08
C LEU A 251 -24.02 -4.87 -24.22
N THR A 252 -25.30 -5.24 -24.29
CA THR A 252 -25.77 -6.03 -25.42
C THR A 252 -25.64 -5.25 -26.73
N ASN A 253 -25.91 -3.95 -26.69
CA ASN A 253 -25.75 -3.13 -27.89
C ASN A 253 -24.28 -3.00 -28.29
N MET A 254 -23.37 -2.92 -27.32
CA MET A 254 -21.94 -2.94 -27.60
C MET A 254 -21.44 -4.27 -28.12
N GLY A 255 -22.26 -5.32 -28.10
CA GLY A 255 -21.80 -6.66 -28.40
C GLY A 255 -21.00 -7.30 -27.30
N VAL A 256 -20.90 -6.65 -26.15
CA VAL A 256 -20.21 -7.20 -24.98
C VAL A 256 -21.11 -8.24 -24.32
N ARG A 257 -20.54 -9.41 -24.02
CA ARG A 257 -21.29 -10.47 -23.36
C ARG A 257 -20.85 -10.72 -21.92
N ALA A 258 -19.65 -10.28 -21.54
CA ALA A 258 -19.19 -10.45 -20.16
C ALA A 258 -18.30 -9.27 -19.80
N SER A 259 -18.22 -9.00 -18.50
CA SER A 259 -17.46 -7.85 -18.02
C SER A 259 -16.89 -8.15 -16.65
N MET A 260 -15.71 -7.60 -16.40
CA MET A 260 -15.08 -7.61 -15.07
C MET A 260 -14.40 -6.27 -14.90
N SER A 261 -14.57 -5.64 -13.74
CA SER A 261 -13.97 -4.34 -13.51
C SER A 261 -13.27 -4.29 -12.15
N ILE A 262 -12.14 -3.59 -12.12
CA ILE A 262 -11.30 -3.43 -10.94
C ILE A 262 -11.34 -1.95 -10.57
N SER A 263 -11.92 -1.64 -9.42
CA SER A 263 -12.06 -0.26 -8.97
C SER A 263 -10.76 0.32 -8.45
N ILE A 264 -10.59 1.62 -8.65
CA ILE A 264 -9.48 2.39 -8.10
C ILE A 264 -10.11 3.46 -7.24
N VAL A 265 -9.94 3.35 -5.92
CA VAL A 265 -10.55 4.27 -4.97
C VAL A 265 -9.46 5.13 -4.34
N VAL A 266 -9.61 6.44 -4.46
CA VAL A 266 -8.67 7.40 -3.91
C VAL A 266 -9.46 8.43 -3.13
N GLY A 267 -9.05 8.70 -1.89
CA GLY A 267 -9.77 9.64 -1.05
C GLY A 267 -11.20 9.24 -0.77
N GLY A 268 -11.51 7.94 -0.85
CA GLY A 268 -12.84 7.44 -0.61
C GLY A 268 -13.82 7.64 -1.75
N LYS A 269 -13.33 8.11 -2.90
CA LYS A 269 -14.16 8.34 -4.08
C LYS A 269 -13.62 7.49 -5.23
N LEU A 270 -14.49 7.14 -6.16
CA LEU A 270 -14.09 6.35 -7.31
C LEU A 270 -13.23 7.22 -8.21
N TRP A 271 -11.91 7.02 -8.14
CA TRP A 271 -10.97 7.81 -8.93
C TRP A 271 -10.88 7.31 -10.36
N GLY A 272 -10.89 5.99 -10.55
CA GLY A 272 -10.78 5.40 -11.86
C GLY A 272 -11.28 3.98 -11.79
N LEU A 273 -11.30 3.32 -12.95
CA LEU A 273 -11.82 1.97 -13.01
C LEU A 273 -11.26 1.24 -14.23
N PHE A 274 -10.61 0.11 -14.00
CA PHE A 274 -10.21 -0.76 -15.10
C PHE A 274 -11.42 -1.62 -15.43
N SER A 275 -11.83 -1.64 -16.68
CA SER A 275 -12.94 -2.49 -17.07
C SER A 275 -12.55 -3.37 -18.23
N CYS A 276 -12.76 -4.67 -18.06
CA CYS A 276 -12.43 -5.68 -19.04
C CYS A 276 -13.71 -6.18 -19.69
N HIS A 277 -13.79 -6.11 -21.00
CA HIS A 277 -14.98 -6.55 -21.71
C HIS A 277 -14.62 -7.71 -22.62
N HIS A 278 -15.54 -8.66 -22.72
CA HIS A 278 -15.37 -9.85 -23.54
C HIS A 278 -16.59 -10.03 -24.43
N MET A 279 -16.36 -10.44 -25.66
CA MET A 279 -17.46 -10.64 -26.61
C MET A 279 -18.19 -11.96 -26.38
N SER A 280 -17.77 -12.75 -25.41
CA SER A 280 -18.44 -13.99 -25.05
C SER A 280 -18.34 -14.18 -23.54
N PRO A 281 -19.24 -14.99 -22.96
CA PRO A 281 -19.22 -15.23 -21.51
C PRO A 281 -17.86 -15.66 -20.99
N LYS A 282 -17.46 -15.07 -19.85
CA LYS A 282 -16.16 -15.38 -19.26
C LYS A 282 -16.22 -15.30 -17.75
N LEU A 283 -15.80 -16.38 -17.09
CA LEU A 283 -15.73 -16.49 -15.63
C LEU A 283 -14.29 -16.42 -15.18
N ILE A 284 -14.04 -15.68 -14.10
CA ILE A 284 -12.73 -15.59 -13.48
C ILE A 284 -12.78 -16.33 -12.14
N PRO A 285 -11.95 -17.35 -11.92
CA PRO A 285 -11.98 -18.09 -10.66
C PRO A 285 -11.84 -17.19 -9.45
N TYR A 286 -12.53 -17.56 -8.37
CA TYR A 286 -12.53 -16.75 -7.14
C TYR A 286 -11.13 -16.46 -6.59
N PRO A 287 -10.20 -17.41 -6.47
CA PRO A 287 -8.86 -17.05 -5.98
C PRO A 287 -8.19 -15.99 -6.83
N VAL A 288 -8.43 -16.01 -8.13
CA VAL A 288 -7.87 -15.00 -9.01
C VAL A 288 -8.55 -13.65 -8.77
N ARG A 289 -9.87 -13.66 -8.57
CA ARG A 289 -10.55 -12.41 -8.26
C ARG A 289 -10.08 -11.83 -6.92
N MET A 290 -9.80 -12.68 -5.94
CA MET A 290 -9.24 -12.19 -4.68
C MET A 290 -7.85 -11.62 -4.88
N SER A 291 -7.09 -12.19 -5.81
CA SER A 291 -5.79 -11.62 -6.16
C SER A 291 -5.96 -10.25 -6.78
N PHE A 292 -6.95 -10.10 -7.66
CA PHE A 292 -7.22 -8.79 -8.24
C PHE A 292 -7.82 -7.83 -7.22
N GLN A 293 -8.47 -8.32 -6.18
CA GLN A 293 -8.96 -7.45 -5.10
C GLN A 293 -7.79 -6.85 -4.33
N ILE A 294 -6.76 -7.67 -4.11
CA ILE A 294 -5.56 -7.14 -3.46
C ILE A 294 -4.84 -6.20 -4.43
N PHE A 295 -4.85 -6.54 -5.71
CA PHE A 295 -4.31 -5.64 -6.71
C PHE A 295 -5.03 -4.30 -6.70
N SER A 296 -6.35 -4.32 -6.59
CA SER A 296 -7.13 -3.09 -6.49
C SER A 296 -6.71 -2.26 -5.29
N GLN A 297 -6.51 -2.91 -4.14
CA GLN A 297 -6.09 -2.16 -2.95
C GLN A 297 -4.69 -1.58 -3.10
N VAL A 298 -3.75 -2.37 -3.62
CA VAL A 298 -2.38 -1.90 -3.82
C VAL A 298 -2.33 -0.80 -4.87
N CYS A 299 -3.00 -1.02 -6.01
CA CYS A 299 -3.06 -0.01 -7.06
C CYS A 299 -3.70 1.27 -6.57
N SER A 300 -4.76 1.18 -5.76
CA SER A 300 -5.38 2.37 -5.20
C SER A 300 -4.41 3.15 -4.33
N ALA A 301 -3.63 2.44 -3.50
CA ALA A 301 -2.66 3.12 -2.65
C ALA A 301 -1.54 3.76 -3.47
N ILE A 302 -1.10 3.06 -4.52
CA ILE A 302 -0.05 3.58 -5.40
C ILE A 302 -0.54 4.81 -6.17
N VAL A 303 -1.73 4.72 -6.76
CA VAL A 303 -2.28 5.85 -7.49
C VAL A 303 -2.50 7.03 -6.55
N GLU A 304 -2.93 6.78 -5.32
CA GLU A 304 -3.09 7.87 -4.36
C GLU A 304 -1.74 8.55 -4.10
N ARG A 305 -0.70 7.75 -3.89
CA ARG A 305 0.64 8.29 -3.67
C ARG A 305 1.13 9.09 -4.88
N LEU A 306 0.93 8.55 -6.08
CA LEU A 306 1.36 9.23 -7.30
C LEU A 306 0.59 10.53 -7.54
N GLU A 307 -0.72 10.53 -7.31
CA GLU A 307 -1.49 11.75 -7.47
C GLU A 307 -1.09 12.80 -6.44
N GLN A 308 -0.83 12.38 -5.20
CA GLN A 308 -0.35 13.32 -4.19
C GLN A 308 0.99 13.92 -4.61
N GLY A 309 1.89 13.07 -5.12
CA GLY A 309 3.17 13.55 -5.59
C GLY A 309 3.05 14.54 -6.73
N ARG A 310 2.20 14.20 -7.71
CA ARG A 310 1.96 15.09 -8.84
C ARG A 310 1.38 16.42 -8.41
N ILE A 311 0.44 16.42 -7.46
CA ILE A 311 -0.14 17.67 -6.97
C ILE A 311 0.91 18.50 -6.24
N ALA A 312 1.71 17.86 -5.38
CA ALA A 312 2.75 18.60 -4.67
C ALA A 312 3.78 19.17 -5.64
N GLU A 313 4.16 18.39 -6.65
CA GLU A 313 5.10 18.86 -7.66
C GLU A 313 4.52 20.02 -8.45
N LEU A 314 3.24 19.96 -8.79
CA LEU A 314 2.59 21.06 -9.48
C LEU A 314 2.56 22.32 -8.62
N LEU A 315 2.35 22.16 -7.30
CA LEU A 315 2.40 23.32 -6.41
C LEU A 315 3.81 23.90 -6.33
N ARG A 316 4.82 23.04 -6.32
CA ARG A 316 6.21 23.49 -6.31
C ARG A 316 6.54 24.28 -7.58
N VAL A 317 6.23 23.69 -8.72
CA VAL A 317 6.48 24.34 -10.01
C VAL A 317 5.73 25.65 -10.11
N SER A 318 4.45 25.66 -9.71
CA SER A 318 3.67 26.89 -9.76
C SER A 318 4.26 27.96 -8.85
N THR A 319 4.74 27.58 -7.66
CA THR A 319 5.35 28.54 -6.75
C THR A 319 6.60 29.14 -7.37
N GLU A 320 7.48 28.29 -7.90
CA GLU A 320 8.70 28.79 -8.54
C GLU A 320 8.38 29.67 -9.74
N ARG A 321 7.40 29.27 -10.56
CA ARG A 321 7.01 30.09 -11.71
C ARG A 321 6.46 31.43 -11.28
N ARG A 322 5.63 31.47 -10.25
CA ARG A 322 5.07 32.71 -9.76
C ARG A 322 6.16 33.64 -9.23
N LEU A 323 7.09 33.10 -8.43
CA LEU A 323 8.18 33.91 -7.92
C LEU A 323 9.10 34.40 -9.05
N ALA A 324 9.37 33.55 -10.03
CA ALA A 324 10.18 33.95 -11.17
C ALA A 324 9.51 35.06 -11.97
N LEU A 325 8.20 34.95 -12.19
CA LEU A 325 7.48 36.01 -12.88
C LEU A 325 7.53 37.31 -12.09
N ALA A 326 7.30 37.23 -10.78
CA ALA A 326 7.37 38.45 -9.95
C ALA A 326 8.74 39.09 -10.03
N ARG A 327 9.81 38.29 -9.95
CA ARG A 327 11.16 38.84 -10.06
C ARG A 327 11.40 39.48 -11.43
N ARG A 328 11.01 38.80 -12.50
CA ARG A 328 11.21 39.38 -13.83
C ARG A 328 10.42 40.68 -14.00
N ALA A 329 9.19 40.72 -13.47
CA ALA A 329 8.41 41.94 -13.54
C ALA A 329 9.05 43.07 -12.74
N ARG A 330 9.71 42.72 -11.62
CA ARG A 330 10.39 43.73 -10.82
C ARG A 330 11.64 44.23 -11.55
N ASP A 331 12.30 43.35 -12.30
CA ASP A 331 13.50 43.71 -13.05
C ASP A 331 13.20 44.22 -14.45
N ALA A 332 12.06 43.88 -15.04
CA ALA A 332 11.73 44.34 -16.38
C ALA A 332 11.29 45.80 -16.38
N ASP A 333 11.62 46.49 -17.47
CA ASP A 333 11.26 47.90 -17.62
C ASP A 333 9.75 48.09 -17.78
N ASP A 334 9.08 47.17 -18.46
CA ASP A 334 7.63 47.25 -18.67
C ASP A 334 6.96 46.01 -18.14
N LEU A 335 6.04 46.20 -17.18
CA LEU A 335 5.29 45.10 -16.59
C LEU A 335 4.56 44.27 -17.64
N PHE A 336 4.09 44.91 -18.70
CA PHE A 336 3.41 44.18 -19.77
C PHE A 336 4.36 43.19 -20.46
N GLY A 337 5.59 43.61 -20.71
CA GLY A 337 6.56 42.72 -21.34
C GLY A 337 6.82 41.46 -20.55
N ALA A 338 6.78 41.55 -19.22
CA ALA A 338 6.98 40.38 -18.37
C ALA A 338 5.72 39.54 -18.24
N LEU A 339 4.58 40.17 -17.98
CA LEU A 339 3.33 39.42 -17.81
C LEU A 339 2.89 38.74 -19.10
N ALA A 340 3.22 39.30 -20.26
CA ALA A 340 2.82 38.73 -21.53
C ALA A 340 3.84 37.71 -22.06
N HIS A 341 4.84 37.34 -21.27
CA HIS A 341 5.83 36.38 -21.72
C HIS A 341 5.15 35.05 -22.04
N PRO A 342 5.42 34.47 -23.21
CA PRO A 342 4.73 33.22 -23.60
C PRO A 342 5.03 32.03 -22.69
N ASP A 343 6.22 31.99 -22.08
CA ASP A 343 6.64 30.89 -21.24
C ASP A 343 6.66 31.19 -19.75
N ASP A 344 6.78 32.46 -19.35
CA ASP A 344 6.85 32.81 -17.95
C ASP A 344 5.77 33.78 -17.51
N GLY A 345 4.80 34.10 -18.37
CA GLY A 345 3.73 35.01 -18.02
C GLY A 345 2.56 34.30 -17.35
N ILE A 346 1.46 35.04 -17.24
CA ILE A 346 0.26 34.53 -16.57
C ILE A 346 -0.29 33.29 -17.27
N ALA A 347 -0.05 33.16 -18.58
CA ALA A 347 -0.51 31.99 -19.31
C ALA A 347 0.23 30.73 -18.91
N ALA A 348 1.40 30.86 -18.29
CA ALA A 348 2.20 29.73 -17.84
C ALA A 348 1.85 29.28 -16.42
N LEU A 349 1.12 30.11 -15.67
CA LEU A 349 0.77 29.77 -14.30
C LEU A 349 -0.44 28.86 -14.21
N ILE A 350 -1.42 29.04 -15.09
CA ILE A 350 -2.65 28.24 -15.04
C ILE A 350 -2.97 27.70 -16.43
N PRO A 351 -3.27 26.41 -16.57
CA PRO A 351 -3.65 25.86 -17.88
C PRO A 351 -4.85 26.59 -18.44
N CYS A 352 -4.65 27.21 -19.60
CA CYS A 352 -5.70 28.00 -20.22
C CYS A 352 -5.52 28.02 -21.72
N ASP A 353 -6.58 28.41 -22.42
CA ASP A 353 -6.58 28.55 -23.86
C ASP A 353 -6.33 29.99 -24.28
N GLY A 354 -6.35 30.92 -23.33
CA GLY A 354 -6.11 32.32 -23.62
C GLY A 354 -6.06 33.11 -22.33
N ALA A 355 -5.48 34.31 -22.43
CA ALA A 355 -5.34 35.20 -21.29
C ALA A 355 -5.36 36.64 -21.78
N LEU A 356 -5.60 37.55 -20.84
CA LEU A 356 -5.61 38.97 -21.17
C LEU A 356 -5.05 39.77 -20.01
N VAL A 357 -4.27 40.81 -20.36
CA VAL A 357 -3.68 41.74 -19.41
C VAL A 357 -4.24 43.12 -19.66
N MET A 358 -4.71 43.78 -18.60
CA MET A 358 -5.26 45.12 -18.69
C MET A 358 -4.76 45.95 -17.51
N LEU A 359 -4.33 47.19 -17.79
CA LEU A 359 -3.84 48.08 -16.75
C LEU A 359 -3.72 49.52 -17.23
N GLY A 360 -4.24 50.47 -16.44
CA GLY A 360 -4.17 51.88 -16.75
C GLY A 360 -4.71 52.26 -18.11
N GLY A 361 -5.75 51.54 -18.55
CA GLY A 361 -6.34 51.74 -19.86
C GLY A 361 -5.67 50.97 -20.97
N ARG A 362 -4.49 50.42 -20.71
CA ARG A 362 -3.79 49.60 -21.68
C ARG A 362 -4.41 48.21 -21.71
N THR A 363 -4.46 47.61 -22.89
CA THR A 363 -5.00 46.27 -23.05
C THR A 363 -4.10 45.46 -23.95
N LEU A 364 -3.90 44.19 -23.61
CA LEU A 364 -3.08 43.29 -24.41
C LEU A 364 -3.61 41.87 -24.23
N SER A 365 -4.01 41.24 -25.34
CA SER A 365 -4.51 39.88 -25.32
C SER A 365 -3.37 38.89 -25.52
N ILE A 366 -3.53 37.71 -24.93
CA ILE A 366 -2.52 36.65 -24.97
C ILE A 366 -3.13 35.38 -25.54
N ARG A 367 -2.38 34.72 -26.43
CA ARG A 367 -2.79 33.49 -27.10
C ARG A 367 -4.09 33.62 -27.91
N GLY A 368 -4.34 34.80 -28.48
CA GLY A 368 -5.53 35.03 -29.25
C GLY A 368 -6.11 36.39 -28.97
N ASP A 369 -7.32 36.62 -29.46
CA ASP A 369 -8.04 37.87 -29.25
C ASP A 369 -9.17 37.61 -28.27
N PHE A 370 -9.13 38.29 -27.13
CA PHE A 370 -10.15 38.18 -26.09
C PHE A 370 -10.63 39.54 -25.62
N GLU A 371 -10.31 40.59 -26.39
CA GLU A 371 -10.64 41.96 -25.98
C GLU A 371 -12.15 42.18 -25.82
N ARG A 372 -12.94 41.78 -26.81
CA ARG A 372 -14.40 41.99 -26.69
C ARG A 372 -15.01 41.07 -25.63
N GLN A 373 -14.50 39.85 -25.50
CA GLN A 373 -14.98 38.95 -24.46
C GLN A 373 -14.71 39.52 -23.08
N ALA A 374 -13.49 40.03 -22.86
CA ALA A 374 -13.15 40.67 -21.61
C ALA A 374 -14.00 41.92 -21.39
N GLY A 375 -14.27 42.66 -22.47
CA GLY A 375 -15.17 43.81 -22.35
C GLY A 375 -16.54 43.43 -21.86
N ASN A 376 -17.08 42.33 -22.39
CA ASN A 376 -18.39 41.85 -21.94
C ASN A 376 -18.35 41.38 -20.49
N VAL A 377 -17.25 40.73 -20.10
CA VAL A 377 -17.10 40.31 -18.72
C VAL A 377 -17.05 41.53 -17.80
N LEU A 378 -16.34 42.58 -18.22
CA LEU A 378 -16.31 43.82 -17.46
C LEU A 378 -17.69 44.45 -17.37
N GLN A 379 -18.44 44.40 -18.48
CA GLN A 379 -19.80 44.92 -18.48
C GLN A 379 -20.65 44.18 -17.45
N ARG A 380 -20.39 42.88 -17.28
CA ARG A 380 -21.11 42.11 -16.26
C ARG A 380 -20.61 42.47 -14.86
N LEU A 381 -19.30 42.70 -14.72
CA LEU A 381 -18.73 43.05 -13.43
C LEU A 381 -19.01 44.50 -13.04
N GLN A 382 -19.24 45.39 -14.01
CA GLN A 382 -19.57 46.78 -13.69
C GLN A 382 -20.84 46.90 -12.87
N ARG A 383 -21.64 45.83 -12.81
CA ARG A 383 -22.85 45.79 -12.00
C ARG A 383 -22.55 45.57 -10.52
N ASP A 384 -21.32 45.17 -10.19
CA ASP A 384 -20.91 44.96 -8.79
C ASP A 384 -19.45 45.40 -8.69
N PRO A 385 -19.20 46.71 -8.67
CA PRO A 385 -17.82 47.23 -8.69
C PRO A 385 -16.95 46.79 -7.52
N GLU A 386 -17.50 46.18 -6.47
CA GLU A 386 -16.68 45.73 -5.36
C GLU A 386 -16.11 44.32 -5.56
N ARG A 387 -16.52 43.62 -6.62
CA ARG A 387 -15.99 42.29 -6.90
C ARG A 387 -14.58 42.40 -7.46
N ASP A 388 -13.59 41.96 -6.67
CA ASP A 388 -12.20 41.98 -7.11
C ASP A 388 -11.75 40.67 -7.75
N ILE A 389 -12.46 39.57 -7.49
CA ILE A 389 -12.15 38.28 -8.08
C ILE A 389 -13.46 37.66 -8.53
N TYR A 390 -13.51 37.21 -9.79
CA TYR A 390 -14.69 36.60 -10.37
C TYR A 390 -14.29 35.45 -11.26
N HIS A 391 -15.08 34.37 -11.24
CA HIS A 391 -14.84 33.24 -12.11
C HIS A 391 -16.18 32.65 -12.55
N THR A 392 -16.18 32.09 -13.75
CA THR A 392 -17.37 31.44 -14.29
C THR A 392 -16.94 30.35 -15.26
N ASP A 393 -17.73 29.29 -15.31
CA ASP A 393 -17.49 28.15 -16.17
C ASP A 393 -18.64 27.90 -17.15
N ASN A 394 -19.65 28.78 -17.16
CA ASN A 394 -20.81 28.65 -18.02
C ASN A 394 -21.20 30.02 -18.54
N TRP A 395 -20.28 30.66 -19.25
CA TRP A 395 -20.55 31.97 -19.82
C TRP A 395 -21.60 31.86 -20.92
N PRO A 396 -22.68 32.62 -20.84
CA PRO A 396 -23.75 32.52 -21.86
C PRO A 396 -23.27 32.89 -23.24
N GLN A 397 -23.32 31.92 -24.14
CA GLN A 397 -22.93 32.10 -25.53
C GLN A 397 -23.87 33.09 -26.21
N PRO A 398 -23.37 34.21 -26.74
CA PRO A 398 -24.26 35.16 -27.41
C PRO A 398 -24.84 34.61 -28.70
N SER A 399 -26.00 35.13 -29.07
CA SER A 399 -26.69 34.71 -30.28
C SER A 399 -26.01 35.27 -31.52
N GLU A 400 -26.50 34.81 -32.68
CA GLU A 400 -25.99 35.22 -33.99
C GLU A 400 -26.30 36.67 -34.33
N ASP A 401 -27.07 37.38 -33.49
CA ASP A 401 -27.42 38.77 -33.75
C ASP A 401 -26.23 39.72 -33.64
N SER A 402 -25.04 39.22 -33.30
CA SER A 402 -23.84 40.04 -33.21
C SER A 402 -22.70 39.36 -33.95
N PRO A 403 -21.87 40.13 -34.66
CA PRO A 403 -20.76 39.50 -35.40
C PRO A 403 -19.67 38.99 -34.48
N ASP A 404 -19.54 39.55 -33.28
CA ASP A 404 -18.54 39.15 -32.31
C ASP A 404 -19.24 38.95 -30.97
N GLY A 405 -18.60 38.23 -30.08
CA GLY A 405 -19.20 38.01 -28.77
C GLY A 405 -18.30 37.19 -27.87
N GLY A 406 -18.86 36.83 -26.73
CA GLY A 406 -18.19 36.03 -25.72
C GLY A 406 -18.04 34.58 -26.13
N ASP A 407 -17.16 34.32 -27.11
CA ASP A 407 -16.93 32.98 -27.63
C ASP A 407 -16.14 32.08 -26.68
N CYS A 408 -15.96 32.52 -25.44
CA CYS A 408 -15.26 31.76 -24.41
C CYS A 408 -16.27 31.23 -23.41
N CYS A 409 -16.18 29.93 -23.11
CA CYS A 409 -17.12 29.30 -22.19
C CYS A 409 -16.68 29.42 -20.73
N GLY A 410 -15.39 29.55 -20.49
CA GLY A 410 -14.86 29.69 -19.14
C GLY A 410 -14.15 31.02 -18.98
N VAL A 411 -14.36 31.67 -17.84
CA VAL A 411 -13.73 32.95 -17.55
C VAL A 411 -13.34 32.99 -16.08
N LEU A 412 -12.08 33.32 -15.81
CA LEU A 412 -11.57 33.56 -14.48
C LEU A 412 -10.95 34.94 -14.51
N ALA A 413 -11.44 35.84 -13.64
CA ALA A 413 -11.00 37.22 -13.65
C ALA A 413 -10.54 37.67 -12.28
N ILE A 414 -9.46 38.45 -12.27
CA ILE A 414 -8.87 38.99 -11.04
C ILE A 414 -8.48 40.45 -11.28
N ARG A 415 -8.81 41.30 -10.30
CA ARG A 415 -8.46 42.72 -10.34
C ARG A 415 -7.30 42.97 -9.39
N PHE A 416 -6.18 43.45 -9.92
CA PHE A 416 -5.02 43.76 -9.08
C PHE A 416 -4.81 45.25 -8.88
N HIS A 417 -5.51 46.10 -9.64
CA HIS A 417 -5.40 47.55 -9.49
C HIS A 417 -6.77 48.17 -9.74
N ARG A 418 -7.43 48.60 -8.67
CA ARG A 418 -8.77 49.17 -8.79
C ARG A 418 -8.74 50.54 -9.48
N GLN A 419 -7.74 51.36 -9.17
CA GLN A 419 -7.66 52.70 -9.76
C GLN A 419 -7.20 52.69 -11.21
N GLU A 420 -6.37 51.73 -11.60
CA GLU A 420 -5.86 51.62 -12.96
C GLU A 420 -6.54 50.52 -13.77
N SER A 421 -7.68 50.03 -13.29
CA SER A 421 -8.42 48.96 -13.98
C SER A 421 -7.52 47.77 -14.28
N GLY A 422 -6.62 47.48 -13.34
CA GLY A 422 -5.70 46.37 -13.49
C GLY A 422 -6.43 45.06 -13.36
N TRP A 423 -6.65 44.39 -14.50
CA TRP A 423 -7.37 43.13 -14.53
C TRP A 423 -6.57 42.05 -15.25
N ILE A 424 -6.77 40.82 -14.80
CA ILE A 424 -6.18 39.62 -15.39
C ILE A 424 -7.32 38.65 -15.66
N PHE A 425 -7.33 38.06 -16.86
CA PHE A 425 -8.36 37.10 -17.21
C PHE A 425 -7.76 35.85 -17.83
N TRP A 426 -8.31 34.71 -17.47
CA TRP A 426 -7.97 33.43 -18.08
C TRP A 426 -9.22 32.89 -18.73
N PHE A 427 -9.11 32.39 -19.95
CA PHE A 427 -10.25 31.88 -20.68
C PHE A 427 -10.00 30.45 -21.12
N ARG A 428 -11.06 29.66 -21.13
CA ARG A 428 -11.00 28.28 -21.58
C ARG A 428 -12.12 28.06 -22.59
N HIS A 429 -11.82 27.35 -23.66
CA HIS A 429 -12.83 27.06 -24.67
C HIS A 429 -13.70 25.89 -24.23
N GLU A 430 -14.74 25.65 -25.01
CA GLU A 430 -15.68 24.57 -24.73
C GLU A 430 -14.96 23.23 -24.67
N GLU A 431 -15.38 22.41 -23.70
CA GLU A 431 -14.78 21.08 -23.53
C GLU A 431 -14.95 20.22 -24.77
N VAL A 432 -16.11 20.33 -25.43
CA VAL A 432 -16.32 19.62 -26.68
C VAL A 432 -15.34 20.10 -27.73
N HIS A 433 -15.17 21.42 -27.82
CA HIS A 433 -14.23 21.99 -28.77
C HIS A 433 -12.80 21.54 -28.47
N ARG A 434 -12.47 21.41 -27.19
CA ARG A 434 -11.13 20.92 -26.82
C ARG A 434 -10.91 19.49 -27.24
N ILE A 435 -11.94 18.64 -27.11
CA ILE A 435 -11.80 17.23 -27.49
C ILE A 435 -11.85 17.04 -29.01
N ARG A 436 -12.69 17.80 -29.71
CA ARG A 436 -12.83 17.66 -31.17
C ARG A 436 -11.51 17.70 -31.92
N TRP A 437 -10.45 18.27 -31.34
CA TRP A 437 -9.15 18.26 -31.99
C TRP A 437 -8.51 16.89 -31.99
N GLY A 438 -8.93 15.99 -31.11
CA GLY A 438 -8.41 14.64 -31.03
C GLY A 438 -9.24 13.58 -31.72
N GLY A 439 -10.25 13.96 -32.49
CA GLY A 439 -11.11 13.04 -33.19
C GLY A 439 -12.52 13.02 -32.60
N LYS A 440 -13.35 12.17 -33.20
CA LYS A 440 -14.75 12.04 -32.79
C LYS A 440 -15.15 10.58 -32.59
N PRO A 441 -15.21 10.12 -31.35
CA PRO A 441 -15.60 8.72 -31.09
C PRO A 441 -17.09 8.47 -31.31
N GLU A 442 -17.55 8.52 -32.56
CA GLU A 442 -18.95 8.31 -32.88
C GLU A 442 -19.10 7.30 -34.01
N LYS A 443 -20.06 6.38 -33.83
CA LYS A 443 -20.40 5.33 -34.78
C LYS A 443 -21.84 4.90 -34.49
N LEU A 444 -22.39 4.08 -35.39
CA LEU A 444 -23.75 3.59 -35.22
C LEU A 444 -23.76 2.07 -35.09
N LEU A 445 -24.70 1.59 -34.29
CA LEU A 445 -24.83 0.18 -33.94
C LEU A 445 -26.30 -0.21 -33.98
N THR A 446 -26.55 -1.52 -33.91
CA THR A 446 -27.91 -2.00 -33.73
C THR A 446 -28.37 -1.59 -32.34
N ILE A 447 -29.64 -1.20 -32.23
CA ILE A 447 -30.13 -0.61 -30.98
C ILE A 447 -31.33 -1.38 -30.44
N GLY A 448 -31.44 -1.38 -29.11
CA GLY A 448 -32.51 -2.03 -28.39
C GLY A 448 -33.71 -1.16 -28.13
N PRO A 449 -34.69 -1.68 -27.38
CA PRO A 449 -35.96 -0.97 -27.19
C PRO A 449 -35.87 0.33 -26.42
N SER A 450 -34.78 0.58 -25.68
CA SER A 450 -34.59 1.88 -25.04
C SER A 450 -33.97 2.92 -25.97
N GLY A 451 -33.71 2.58 -27.21
CA GLY A 451 -33.23 3.53 -28.20
C GLY A 451 -31.77 3.93 -28.13
N PRO A 452 -31.43 4.96 -28.91
CA PRO A 452 -30.02 5.30 -29.15
C PRO A 452 -29.18 5.70 -27.94
N ARG A 453 -29.76 6.11 -26.82
CA ARG A 453 -28.90 6.52 -25.72
C ARG A 453 -28.14 5.35 -25.08
N LEU A 454 -28.63 4.12 -25.22
CA LEU A 454 -27.87 2.97 -24.72
C LEU A 454 -26.89 2.45 -25.78
N THR A 455 -26.05 3.35 -26.26
CA THR A 455 -24.94 3.04 -27.15
C THR A 455 -23.80 4.00 -26.82
N PRO A 456 -22.55 3.60 -27.11
CA PRO A 456 -21.42 4.54 -26.92
C PRO A 456 -21.60 5.91 -27.56
N ARG A 457 -22.10 5.97 -28.79
CA ARG A 457 -22.36 7.26 -29.42
C ARG A 457 -23.44 8.04 -28.69
N GLY A 458 -24.52 7.36 -28.27
CA GLY A 458 -25.56 8.03 -27.50
C GLY A 458 -25.04 8.62 -26.20
N SER A 459 -24.15 7.90 -25.52
CA SER A 459 -23.47 8.45 -24.35
C SER A 459 -22.56 9.62 -24.68
N PHE A 460 -21.89 9.59 -25.84
CA PHE A 460 -21.08 10.74 -26.21
C PHE A 460 -21.93 11.96 -26.53
N GLU A 461 -23.05 11.76 -27.21
CA GLU A 461 -23.96 12.87 -27.49
C GLU A 461 -24.56 13.42 -26.19
N ALA A 462 -24.88 12.55 -25.23
CA ALA A 462 -25.39 13.02 -23.96
C ALA A 462 -24.34 13.78 -23.18
N TRP A 463 -23.07 13.40 -23.32
CA TRP A 463 -22.01 14.16 -22.66
C TRP A 463 -21.85 15.51 -23.33
N GLU A 464 -21.85 15.54 -24.66
CA GLU A 464 -21.78 16.80 -25.38
C GLU A 464 -22.89 17.74 -24.94
N GLU A 465 -24.09 17.20 -24.76
CA GLU A 465 -25.22 17.98 -24.29
C GLU A 465 -25.02 18.48 -22.87
N VAL A 466 -24.41 17.66 -22.02
CA VAL A 466 -24.21 18.04 -20.62
C VAL A 466 -23.12 19.10 -20.46
N VAL A 467 -22.08 19.06 -21.30
CA VAL A 467 -20.99 20.04 -21.18
C VAL A 467 -21.09 21.17 -22.19
N ARG A 468 -22.14 21.20 -23.01
CA ARG A 468 -22.30 22.26 -23.99
C ARG A 468 -22.29 23.62 -23.31
N GLY A 469 -21.52 24.55 -23.87
CA GLY A 469 -21.42 25.89 -23.30
C GLY A 469 -20.62 25.98 -22.03
N HIS A 470 -19.99 24.90 -21.59
CA HIS A 470 -19.21 24.88 -20.36
C HIS A 470 -17.75 24.56 -20.66
N SER A 471 -16.87 25.13 -19.85
CA SER A 471 -15.45 24.87 -19.88
C SER A 471 -15.07 24.01 -18.69
N THR A 472 -13.83 23.52 -18.70
CA THR A 472 -13.34 22.82 -17.52
C THR A 472 -13.28 23.81 -16.36
N PRO A 473 -13.93 23.52 -15.23
CA PRO A 473 -13.99 24.50 -14.14
C PRO A 473 -12.65 24.73 -13.48
N TRP A 474 -12.51 25.92 -12.92
CA TRP A 474 -11.31 26.31 -12.20
C TRP A 474 -11.26 25.55 -10.86
N SER A 475 -10.25 24.72 -10.68
CA SER A 475 -10.12 23.93 -9.47
C SER A 475 -9.65 24.79 -8.31
N GLU A 476 -9.75 24.21 -7.10
CA GLU A 476 -9.29 24.90 -5.90
C GLU A 476 -7.81 25.28 -5.98
N THR A 477 -7.01 24.45 -6.66
CA THR A 477 -5.60 24.76 -6.85
C THR A 477 -5.44 25.96 -7.76
N ASP A 478 -6.19 25.99 -8.86
CA ASP A 478 -6.16 27.12 -9.77
C ASP A 478 -6.57 28.41 -9.07
N LEU A 479 -7.67 28.37 -8.30
CA LEU A 479 -8.11 29.54 -7.57
C LEU A 479 -7.07 29.98 -6.53
N ALA A 480 -6.43 29.03 -5.86
CA ALA A 480 -5.39 29.39 -4.89
C ALA A 480 -4.21 30.06 -5.57
N ILE A 481 -3.79 29.53 -6.71
CA ILE A 481 -2.69 30.12 -7.47
C ILE A 481 -3.07 31.53 -7.91
N ALA A 482 -4.28 31.68 -8.43
CA ALA A 482 -4.75 32.99 -8.89
C ALA A 482 -4.76 34.00 -7.74
N GLU A 483 -5.27 33.61 -6.58
CA GLU A 483 -5.29 34.52 -5.43
C GLU A 483 -3.88 34.90 -4.99
N LYS A 484 -2.97 33.92 -4.96
CA LYS A 484 -1.60 34.23 -4.57
C LYS A 484 -0.96 35.18 -5.59
N LEU A 485 -1.24 34.98 -6.88
CA LEU A 485 -0.74 35.90 -7.89
C LEU A 485 -1.29 37.30 -7.67
N ARG A 486 -2.58 37.39 -7.29
CA ARG A 486 -3.18 38.69 -7.02
C ARG A 486 -2.44 39.41 -5.89
N LEU A 487 -2.20 38.69 -4.79
CA LEU A 487 -1.51 39.29 -3.66
C LEU A 487 -0.08 39.69 -4.03
N ASP A 488 0.62 38.84 -4.79
CA ASP A 488 1.98 39.17 -5.21
C ASP A 488 2.01 40.42 -6.09
N LEU A 489 1.04 40.54 -7.01
CA LEU A 489 0.98 41.72 -7.86
C LEU A 489 0.60 42.96 -7.06
N MET A 490 -0.23 42.79 -6.03
CA MET A 490 -0.57 43.90 -5.15
C MET A 490 0.67 44.37 -4.41
N GLU A 491 1.54 43.43 -4.03
CA GLU A 491 2.80 43.80 -3.40
C GLU A 491 3.70 44.55 -4.38
N LEU A 492 3.78 44.09 -5.62
CA LEU A 492 4.56 44.77 -6.65
C LEU A 492 3.93 46.12 -6.99
N MET B 1 44.47 -25.32 -4.21
CA MET B 1 43.25 -24.55 -4.06
C MET B 1 43.55 -23.12 -3.66
N THR B 2 42.54 -22.26 -3.78
CA THR B 2 42.67 -20.87 -3.35
C THR B 2 42.60 -20.77 -1.82
N SER B 3 42.86 -19.56 -1.32
CA SER B 3 42.77 -19.30 0.10
C SER B 3 41.32 -19.34 0.58
N ILE B 4 41.14 -19.73 1.84
CA ILE B 4 39.83 -19.84 2.45
C ILE B 4 39.91 -19.23 3.84
N THR B 5 38.86 -18.50 4.23
CA THR B 5 38.81 -17.86 5.54
C THR B 5 37.90 -18.64 6.47
N PRO B 6 38.40 -19.09 7.62
CA PRO B 6 37.53 -19.83 8.56
C PRO B 6 36.57 -18.88 9.25
N VAL B 7 35.29 -19.21 9.20
CA VAL B 7 34.26 -18.39 9.82
C VAL B 7 34.21 -18.69 11.31
N THR B 8 34.51 -17.69 12.13
CA THR B 8 34.53 -17.82 13.57
C THR B 8 33.94 -16.57 14.20
N LEU B 9 33.59 -16.67 15.48
CA LEU B 9 32.95 -15.57 16.19
C LEU B 9 33.76 -14.27 16.13
N ALA B 10 35.07 -14.36 15.93
CA ALA B 10 35.91 -13.17 15.86
C ALA B 10 35.84 -12.44 14.53
N ASN B 11 35.45 -13.12 13.45
CA ASN B 11 35.37 -12.51 12.13
C ASN B 11 34.00 -12.57 11.48
N CYS B 12 33.02 -13.22 12.10
CA CYS B 12 31.68 -13.32 11.53
C CYS B 12 31.02 -11.96 11.33
N GLU B 13 31.50 -10.90 12.00
CA GLU B 13 30.92 -9.58 11.82
C GLU B 13 31.03 -9.10 10.38
N ASP B 14 31.92 -9.68 9.58
CA ASP B 14 32.12 -9.28 8.19
C ASP B 14 32.06 -10.47 7.23
N GLU B 15 31.44 -11.57 7.63
CA GLU B 15 31.38 -12.76 6.78
C GLU B 15 30.71 -12.46 5.45
N PRO B 16 31.27 -12.91 4.32
CA PRO B 16 30.67 -12.72 2.99
C PRO B 16 29.55 -13.71 2.70
N ILE B 17 28.47 -13.62 3.48
CA ILE B 17 27.32 -14.50 3.35
C ILE B 17 26.55 -14.33 2.04
N HIS B 18 26.79 -13.26 1.30
CA HIS B 18 26.09 -13.03 0.03
C HIS B 18 26.73 -13.76 -1.13
N VAL B 19 27.97 -14.22 -0.99
CA VAL B 19 28.68 -14.93 -2.03
C VAL B 19 29.15 -16.29 -1.53
N PRO B 20 28.25 -17.14 -1.01
CA PRO B 20 28.71 -18.42 -0.44
C PRO B 20 29.19 -19.42 -1.46
N GLY B 21 28.90 -19.23 -2.75
CA GLY B 21 29.33 -20.20 -3.74
C GLY B 21 28.66 -21.55 -3.62
N ALA B 22 27.56 -21.64 -2.87
CA ALA B 22 26.84 -22.90 -2.68
C ALA B 22 25.39 -22.58 -2.41
N ILE B 23 24.54 -23.60 -2.56
CA ILE B 23 23.11 -23.45 -2.37
C ILE B 23 22.59 -24.60 -1.52
N GLN B 24 21.41 -24.39 -0.96
CA GLN B 24 20.76 -25.44 -0.16
C GLN B 24 20.32 -26.58 -1.07
N PRO B 25 20.50 -27.84 -0.64
CA PRO B 25 20.20 -28.98 -1.51
C PRO B 25 18.73 -29.18 -1.86
N HIS B 26 17.80 -28.34 -1.41
CA HIS B 26 16.41 -28.56 -1.81
C HIS B 26 16.12 -28.07 -3.22
N GLY B 27 17.10 -27.46 -3.89
CA GLY B 27 16.92 -26.99 -5.25
C GLY B 27 18.23 -26.95 -6.02
N ALA B 28 18.20 -26.42 -7.25
CA ALA B 28 19.39 -26.31 -8.07
C ALA B 28 19.44 -24.93 -8.72
N LEU B 29 20.64 -24.38 -8.83
CA LEU B 29 20.87 -23.07 -9.42
C LEU B 29 21.62 -23.20 -10.74
N VAL B 30 21.14 -22.51 -11.77
CA VAL B 30 21.79 -22.40 -13.07
C VAL B 30 22.11 -20.94 -13.30
N THR B 31 23.37 -20.63 -13.54
CA THR B 31 23.80 -19.27 -13.80
C THR B 31 24.08 -19.11 -15.29
N LEU B 32 23.56 -18.03 -15.88
CA LEU B 32 23.67 -17.80 -17.31
C LEU B 32 24.24 -16.42 -17.60
N ARG B 33 25.04 -16.35 -18.66
CA ARG B 33 25.55 -15.08 -19.16
C ARG B 33 24.42 -14.32 -19.85
N ALA B 34 24.64 -13.02 -20.09
CA ALA B 34 23.62 -12.22 -20.75
C ALA B 34 23.29 -12.68 -22.16
N ASP B 35 24.05 -13.63 -22.71
CA ASP B 35 23.74 -14.23 -24.00
C ASP B 35 23.10 -15.61 -23.85
N GLY B 36 22.86 -16.05 -22.62
CA GLY B 36 22.29 -17.35 -22.34
C GLY B 36 23.29 -18.49 -22.22
N MET B 37 24.59 -18.20 -22.27
CA MET B 37 25.59 -19.23 -22.10
C MET B 37 25.69 -19.62 -20.63
N VAL B 38 25.70 -20.92 -20.35
CA VAL B 38 25.79 -21.40 -18.98
C VAL B 38 27.15 -21.02 -18.40
N LEU B 39 27.15 -20.23 -17.33
CA LEU B 39 28.39 -19.85 -16.68
C LEU B 39 28.80 -20.87 -15.61
N ALA B 40 27.85 -21.29 -14.78
CA ALA B 40 28.13 -22.21 -13.70
C ALA B 40 26.83 -22.90 -13.30
N ALA B 41 26.96 -24.06 -12.67
CA ALA B 41 25.80 -24.79 -12.20
C ALA B 41 26.16 -25.54 -10.92
N SER B 42 25.13 -26.01 -10.23
CA SER B 42 25.31 -26.72 -8.97
C SER B 42 25.72 -28.17 -9.19
N GLU B 43 26.46 -28.71 -8.22
CA GLU B 43 26.94 -30.08 -8.27
C GLU B 43 25.79 -31.10 -8.31
N ASN B 44 24.63 -30.74 -7.75
CA ASN B 44 23.47 -31.62 -7.73
C ASN B 44 22.56 -31.44 -8.93
N ILE B 45 22.96 -30.63 -9.92
CA ILE B 45 22.10 -30.36 -11.06
C ILE B 45 21.75 -31.64 -11.81
N GLN B 46 22.70 -32.56 -11.95
CA GLN B 46 22.39 -33.83 -12.61
C GLN B 46 21.47 -34.71 -11.76
N ALA B 47 21.56 -34.61 -10.45
CA ALA B 47 20.71 -35.41 -9.57
C ALA B 47 19.25 -34.94 -9.63
N LEU B 48 19.03 -33.63 -9.55
CA LEU B 48 17.66 -33.11 -9.58
C LEU B 48 17.08 -33.03 -10.99
N LEU B 49 17.80 -32.43 -11.94
CA LEU B 49 17.27 -32.17 -13.26
C LEU B 49 17.57 -33.27 -14.28
N GLY B 50 18.49 -34.18 -13.98
CA GLY B 50 18.80 -35.25 -14.91
C GLY B 50 19.55 -34.83 -16.16
N PHE B 51 20.13 -33.63 -16.17
CA PHE B 51 20.92 -33.17 -17.31
C PHE B 51 22.12 -32.42 -16.76
N VAL B 52 23.17 -32.33 -17.57
CA VAL B 52 24.41 -31.68 -17.15
C VAL B 52 24.53 -30.34 -17.87
N ALA B 53 24.60 -29.27 -17.09
CA ALA B 53 24.76 -27.91 -17.61
C ALA B 53 26.24 -27.56 -17.70
N SER B 54 26.90 -28.21 -18.65
CA SER B 54 28.34 -27.99 -18.83
C SER B 54 28.60 -26.50 -19.09
N PRO B 55 29.48 -25.86 -18.31
CA PRO B 55 29.82 -24.46 -18.57
C PRO B 55 30.19 -24.21 -20.02
N GLY B 56 29.79 -23.05 -20.53
CA GLY B 56 30.00 -22.69 -21.92
C GLY B 56 28.94 -23.19 -22.87
N SER B 57 28.10 -24.13 -22.45
CA SER B 57 27.01 -24.61 -23.26
C SER B 57 25.84 -23.63 -23.24
N TYR B 58 24.83 -23.94 -24.05
CA TYR B 58 23.60 -23.18 -24.08
C TYR B 58 22.44 -24.11 -23.72
N LEU B 59 21.45 -23.56 -23.03
CA LEU B 59 20.29 -24.37 -22.66
C LEU B 59 19.46 -24.68 -23.90
N THR B 60 18.80 -25.85 -23.87
CA THR B 60 18.03 -26.33 -24.99
C THR B 60 16.70 -26.90 -24.49
N GLN B 61 15.76 -27.06 -25.42
CA GLN B 61 14.45 -27.60 -25.07
C GLN B 61 14.58 -29.02 -24.53
N GLU B 62 15.63 -29.74 -24.94
CA GLU B 62 15.88 -31.08 -24.43
C GLU B 62 16.23 -31.06 -22.95
N GLN B 63 16.71 -29.94 -22.43
CA GLN B 63 17.15 -29.81 -21.04
C GLN B 63 16.08 -29.17 -20.16
N VAL B 64 15.75 -27.90 -20.39
CA VAL B 64 14.82 -27.17 -19.53
C VAL B 64 13.41 -27.07 -20.09
N GLY B 65 13.17 -27.48 -21.33
CA GLY B 65 11.85 -27.38 -21.93
C GLY B 65 11.51 -26.00 -22.47
N PRO B 66 10.43 -25.95 -23.27
CA PRO B 66 10.08 -24.69 -23.95
C PRO B 66 9.57 -23.58 -23.05
N GLU B 67 8.87 -23.88 -21.96
CA GLU B 67 8.36 -22.83 -21.09
C GLU B 67 9.51 -22.06 -20.44
N VAL B 68 10.51 -22.79 -19.96
CA VAL B 68 11.67 -22.17 -19.33
C VAL B 68 12.44 -21.34 -20.34
N LEU B 69 12.60 -21.86 -21.56
CA LEU B 69 13.31 -21.12 -22.60
C LEU B 69 12.57 -19.86 -23.01
N ARG B 70 11.25 -19.91 -23.13
CA ARG B 70 10.51 -18.69 -23.48
C ARG B 70 10.59 -17.65 -22.36
N MET B 71 10.47 -18.09 -21.10
CA MET B 71 10.62 -17.18 -19.96
C MET B 71 12.02 -16.56 -19.96
N LEU B 72 13.04 -17.39 -20.12
CA LEU B 72 14.42 -16.93 -20.11
C LEU B 72 14.69 -15.96 -21.24
N GLU B 73 14.28 -16.30 -22.47
CA GLU B 73 14.52 -15.40 -23.58
C GLU B 73 13.79 -14.08 -23.39
N GLU B 74 12.58 -14.11 -22.83
CA GLU B 74 11.87 -12.88 -22.52
C GLU B 74 12.64 -12.05 -21.50
N GLY B 75 13.40 -12.72 -20.62
CA GLY B 75 14.22 -12.03 -19.64
C GLY B 75 15.52 -11.45 -20.18
N LEU B 76 16.27 -12.28 -20.91
CA LEU B 76 17.54 -11.86 -21.51
C LEU B 76 17.36 -10.72 -22.49
N THR B 77 16.28 -10.75 -23.28
CA THR B 77 16.02 -9.71 -24.26
C THR B 77 15.29 -8.51 -23.66
N GLY B 78 14.82 -8.60 -22.43
CA GLY B 78 14.15 -7.50 -21.78
C GLY B 78 15.13 -6.44 -21.32
N ASN B 79 14.59 -5.42 -20.66
CA ASN B 79 15.38 -4.31 -20.16
C ASN B 79 15.09 -4.07 -18.69
N GLY B 80 16.11 -3.68 -17.95
CA GLY B 80 16.00 -3.46 -16.53
C GLY B 80 15.88 -4.74 -15.73
N PRO B 81 15.62 -4.59 -14.43
CA PRO B 81 15.48 -5.77 -13.55
C PRO B 81 14.46 -6.76 -14.09
N TRP B 82 14.76 -8.04 -13.94
CA TRP B 82 13.89 -9.11 -14.39
C TRP B 82 13.60 -10.06 -13.25
N SER B 83 12.37 -10.54 -13.20
CA SER B 83 11.93 -11.48 -12.17
C SER B 83 10.67 -12.14 -12.67
N ASN B 84 10.70 -13.47 -12.78
CA ASN B 84 9.57 -14.21 -13.32
C ASN B 84 9.68 -15.66 -12.85
N SER B 85 8.64 -16.42 -13.10
CA SER B 85 8.65 -17.84 -12.76
C SER B 85 7.66 -18.57 -13.66
N VAL B 86 7.88 -19.89 -13.78
CA VAL B 86 7.02 -20.76 -14.57
C VAL B 86 7.03 -22.13 -13.91
N GLU B 87 5.96 -22.89 -14.14
CA GLU B 87 5.89 -24.28 -13.70
C GLU B 87 6.25 -25.16 -14.88
N THR B 88 7.04 -26.21 -14.61
CA THR B 88 7.41 -27.14 -15.66
C THR B 88 7.74 -28.48 -15.05
N ARG B 89 7.61 -29.53 -15.87
CA ARG B 89 7.94 -30.88 -15.46
C ARG B 89 9.25 -31.29 -16.10
N ILE B 90 10.22 -31.67 -15.26
CA ILE B 90 11.53 -32.12 -15.70
C ILE B 90 11.69 -33.51 -15.13
N GLY B 91 11.88 -34.50 -16.01
CA GLY B 91 11.85 -35.86 -15.55
C GLY B 91 10.49 -36.17 -14.95
N GLU B 92 10.50 -36.85 -13.80
CA GLU B 92 9.25 -37.16 -13.12
C GLU B 92 8.71 -36.02 -12.28
N HIS B 93 9.59 -35.17 -11.75
CA HIS B 93 9.18 -34.12 -10.82
C HIS B 93 8.70 -32.85 -11.50
N LEU B 94 7.78 -32.17 -10.83
CA LEU B 94 7.26 -30.87 -11.22
C LEU B 94 8.09 -29.81 -10.51
N PHE B 95 8.72 -28.93 -11.27
CA PHE B 95 9.58 -27.90 -10.70
C PHE B 95 9.00 -26.49 -10.86
N ASP B 96 9.07 -25.72 -9.78
CA ASP B 96 8.86 -24.29 -9.86
C ASP B 96 10.19 -23.69 -10.28
N VAL B 97 10.22 -23.02 -11.42
CA VAL B 97 11.44 -22.38 -11.90
C VAL B 97 11.34 -20.89 -11.67
N ILE B 98 12.21 -20.37 -10.81
CA ILE B 98 12.25 -18.96 -10.48
C ILE B 98 13.41 -18.35 -11.24
N GLY B 99 13.16 -17.24 -11.92
CA GLY B 99 14.20 -16.56 -12.69
C GLY B 99 14.35 -15.11 -12.26
N HIS B 100 15.59 -14.65 -12.25
CA HIS B 100 15.90 -13.26 -11.94
C HIS B 100 17.30 -12.99 -12.47
N SER B 101 17.65 -11.71 -12.50
CA SER B 101 18.98 -11.30 -12.92
C SER B 101 19.55 -10.31 -11.93
N TYR B 102 20.87 -10.38 -11.74
CA TYR B 102 21.55 -9.44 -10.86
C TYR B 102 22.97 -9.27 -11.37
N LYS B 103 23.44 -8.02 -11.35
CA LYS B 103 24.79 -7.65 -11.80
C LYS B 103 25.14 -8.31 -13.13
N GLU B 104 24.23 -8.18 -14.10
CA GLU B 104 24.33 -8.71 -15.46
C GLU B 104 24.30 -10.24 -15.54
N VAL B 105 24.13 -10.96 -14.44
CA VAL B 105 24.07 -12.41 -14.45
C VAL B 105 22.62 -12.86 -14.29
N PHE B 106 22.24 -13.91 -15.00
CA PHE B 106 20.90 -14.49 -14.96
C PHE B 106 20.92 -15.80 -14.19
N TYR B 107 19.90 -16.02 -13.36
CA TYR B 107 19.82 -17.22 -12.54
C TYR B 107 18.50 -17.93 -12.75
N LEU B 108 18.56 -19.26 -12.80
CA LEU B 108 17.39 -20.13 -12.90
C LEU B 108 17.46 -21.08 -11.72
N GLU B 109 16.42 -21.07 -10.88
CA GLU B 109 16.36 -21.90 -9.69
C GLU B 109 15.25 -22.93 -9.81
N PHE B 110 15.61 -24.21 -9.83
CA PHE B 110 14.66 -25.30 -9.97
C PHE B 110 14.34 -25.82 -8.57
N GLU B 111 13.10 -25.60 -8.12
CA GLU B 111 12.64 -26.02 -6.82
C GLU B 111 11.51 -27.04 -6.96
N ILE B 112 11.72 -28.24 -6.41
CA ILE B 112 10.69 -29.28 -6.51
C ILE B 112 9.45 -28.87 -5.73
N ARG B 113 8.29 -28.95 -6.37
CA ARG B 113 7.02 -28.69 -5.70
C ARG B 113 6.56 -29.97 -5.02
N THR B 114 6.80 -30.09 -3.71
CA THR B 114 6.44 -31.29 -2.98
C THR B 114 5.00 -31.29 -2.50
N ALA B 115 4.42 -30.12 -2.22
CA ALA B 115 3.06 -30.04 -1.73
C ALA B 115 2.02 -30.17 -2.85
N ASP B 116 0.81 -30.55 -2.45
CA ASP B 116 -0.30 -30.67 -3.38
C ASP B 116 -0.81 -29.28 -3.78
N THR B 117 -1.29 -29.19 -5.02
CA THR B 117 -1.77 -27.92 -5.56
C THR B 117 -3.02 -27.42 -4.84
N LEU B 118 -3.87 -28.32 -4.34
CA LEU B 118 -5.06 -27.90 -3.60
C LEU B 118 -4.65 -27.15 -2.33
N SER B 119 -3.70 -27.72 -1.59
CA SER B 119 -3.20 -27.07 -0.39
C SER B 119 -2.55 -25.74 -0.73
N ILE B 120 -1.85 -25.68 -1.87
CA ILE B 120 -1.22 -24.43 -2.28
C ILE B 120 -2.27 -23.36 -2.52
N THR B 121 -3.40 -23.73 -3.13
CA THR B 121 -4.47 -22.76 -3.36
C THR B 121 -5.09 -22.29 -2.05
N SER B 122 -5.40 -23.23 -1.16
CA SER B 122 -5.96 -22.86 0.14
C SER B 122 -5.01 -21.97 0.94
N PHE B 123 -3.72 -22.33 0.96
CA PHE B 123 -2.72 -21.56 1.67
C PHE B 123 -2.57 -20.17 1.06
N THR B 124 -2.70 -20.08 -0.26
CA THR B 124 -2.66 -18.77 -0.92
C THR B 124 -3.85 -17.92 -0.54
N LEU B 125 -5.04 -18.53 -0.47
CA LEU B 125 -6.23 -17.80 -0.04
C LEU B 125 -6.07 -17.29 1.40
N ASN B 126 -5.56 -18.14 2.30
CA ASN B 126 -5.35 -17.69 3.67
C ASN B 126 -4.37 -16.52 3.74
N ALA B 127 -3.26 -16.61 2.99
CA ALA B 127 -2.31 -15.50 2.97
C ALA B 127 -2.95 -14.23 2.42
N GLN B 128 -3.72 -14.36 1.35
CA GLN B 128 -4.40 -13.20 0.77
C GLN B 128 -5.41 -12.60 1.75
N ARG B 129 -6.05 -13.43 2.57
CA ARG B 129 -6.94 -12.88 3.59
C ARG B 129 -6.15 -12.17 4.68
N ILE B 130 -4.93 -12.61 4.97
CA ILE B 130 -4.11 -11.81 5.90
C ILE B 130 -3.84 -10.46 5.28
N ILE B 131 -3.45 -10.45 4.00
CA ILE B 131 -3.15 -9.21 3.30
C ILE B 131 -4.33 -8.25 3.36
N ALA B 132 -5.55 -8.78 3.19
CA ALA B 132 -6.76 -7.98 3.25
C ALA B 132 -7.07 -7.51 4.67
N GLN B 133 -7.13 -8.43 5.63
CA GLN B 133 -7.50 -8.09 7.00
C GLN B 133 -6.50 -7.16 7.69
N VAL B 134 -5.22 -7.19 7.32
CA VAL B 134 -4.23 -6.34 7.99
C VAL B 134 -4.50 -4.86 7.77
N GLN B 135 -5.25 -4.50 6.73
CA GLN B 135 -5.57 -3.10 6.49
C GLN B 135 -6.59 -2.55 7.49
N LEU B 136 -7.27 -3.41 8.24
CA LEU B 136 -8.28 -3.00 9.21
C LEU B 136 -7.72 -2.68 10.59
N HIS B 137 -6.45 -2.97 10.85
CA HIS B 137 -5.87 -2.71 12.17
C HIS B 137 -5.66 -1.22 12.40
N ASN B 138 -5.94 -0.79 13.64
CA ASN B 138 -5.81 0.60 14.07
C ASN B 138 -4.47 0.94 14.71
N ASP B 139 -3.69 -0.05 15.14
CA ASP B 139 -2.42 0.22 15.79
C ASP B 139 -1.44 -0.91 15.50
N THR B 140 -0.16 -0.57 15.53
CA THR B 140 0.88 -1.56 15.23
C THR B 140 0.98 -2.66 16.28
N ALA B 141 0.70 -2.37 17.54
CA ALA B 141 0.74 -3.44 18.54
C ALA B 141 -0.34 -4.48 18.27
N SER B 142 -1.54 -4.02 17.91
CA SER B 142 -2.62 -4.91 17.54
C SER B 142 -2.29 -5.66 16.27
N LEU B 143 -1.69 -4.96 15.30
CA LEU B 143 -1.31 -5.57 14.03
C LEU B 143 -0.33 -6.71 14.25
N LEU B 144 0.79 -6.45 14.92
CA LEU B 144 1.79 -7.48 15.16
C LEU B 144 1.22 -8.63 15.98
N SER B 145 0.42 -8.32 17.00
CA SER B 145 -0.17 -9.36 17.84
C SER B 145 -1.10 -10.28 17.05
N ASN B 146 -1.99 -9.70 16.24
CA ASN B 146 -2.92 -10.50 15.45
C ASN B 146 -2.23 -11.26 14.32
N VAL B 147 -1.31 -10.60 13.61
CA VAL B 147 -0.61 -11.24 12.50
C VAL B 147 0.23 -12.41 12.99
N THR B 148 0.86 -12.29 14.16
CA THR B 148 1.66 -13.41 14.66
C THR B 148 0.82 -14.68 14.85
N ASP B 149 -0.36 -14.53 15.44
CA ASP B 149 -1.24 -15.67 15.65
C ASP B 149 -1.85 -16.18 14.35
N GLU B 150 -2.21 -15.28 13.44
CA GLU B 150 -2.76 -15.73 12.17
C GLU B 150 -1.71 -16.43 11.31
N LEU B 151 -0.48 -15.90 11.31
CA LEU B 151 0.62 -16.53 10.59
C LEU B 151 0.92 -17.92 11.14
N ARG B 152 0.85 -18.08 12.46
CA ARG B 152 1.10 -19.41 13.01
C ARG B 152 -0.05 -20.36 12.65
N ARG B 153 -1.29 -19.89 12.81
CA ARG B 153 -2.44 -20.71 12.45
C ARG B 153 -2.39 -21.18 11.01
N MET B 154 -1.99 -20.30 10.09
CA MET B 154 -1.87 -20.69 8.68
C MET B 154 -0.70 -21.62 8.42
N THR B 155 0.52 -21.15 8.69
CA THR B 155 1.70 -21.92 8.33
C THR B 155 1.88 -23.16 9.19
N GLY B 156 1.40 -23.14 10.42
CA GLY B 156 1.60 -24.28 11.29
C GLY B 156 2.98 -24.39 11.87
N TYR B 157 3.76 -23.32 11.81
CA TYR B 157 5.09 -23.31 12.39
C TYR B 157 5.02 -23.51 13.90
N ASP B 158 6.02 -24.22 14.44
CA ASP B 158 6.02 -24.48 15.89
C ASP B 158 6.13 -23.19 16.68
N ARG B 159 6.77 -22.17 16.13
CA ARG B 159 6.86 -20.88 16.80
C ARG B 159 6.83 -19.78 15.76
N VAL B 160 6.18 -18.68 16.10
CA VAL B 160 6.22 -17.46 15.29
C VAL B 160 6.41 -16.30 16.25
N MET B 161 7.37 -15.43 15.93
CA MET B 161 7.66 -14.27 16.74
C MET B 161 7.72 -13.04 15.84
N ALA B 162 7.28 -11.92 16.36
CA ALA B 162 7.44 -10.64 15.69
C ALA B 162 8.56 -9.89 16.38
N TYR B 163 9.60 -9.54 15.63
CA TYR B 163 10.70 -8.74 16.15
C TYR B 163 10.47 -7.29 15.81
N ARG B 164 10.81 -6.40 16.73
CA ARG B 164 10.80 -4.98 16.47
C ARG B 164 12.20 -4.48 16.79
N PHE B 165 12.81 -3.77 15.85
CA PHE B 165 14.18 -3.32 16.01
C PHE B 165 14.22 -1.90 16.54
N ARG B 166 15.05 -1.69 17.56
CA ARG B 166 15.19 -0.41 18.20
C ARG B 166 16.25 0.44 17.50
N HIS B 167 16.41 1.67 18.00
CA HIS B 167 17.31 2.66 17.43
C HIS B 167 18.71 2.13 17.16
N ASP B 168 19.19 1.23 18.00
CA ASP B 168 20.53 0.65 17.83
C ASP B 168 20.53 -0.68 17.09
N ASP B 169 19.40 -1.03 16.46
CA ASP B 169 19.16 -2.29 15.75
C ASP B 169 18.99 -3.49 16.67
N SER B 170 18.98 -3.30 17.99
CA SER B 170 18.77 -4.44 18.88
C SER B 170 17.37 -5.00 18.67
N GLY B 171 17.24 -6.31 18.77
CA GLY B 171 15.96 -6.95 18.56
C GLY B 171 15.19 -7.15 19.84
N GLU B 172 13.87 -7.28 19.67
CA GLU B 172 12.95 -7.45 20.79
C GLU B 172 11.76 -8.27 20.32
N VAL B 173 11.46 -9.35 21.03
CA VAL B 173 10.28 -10.14 20.71
C VAL B 173 9.08 -9.42 21.30
N VAL B 174 8.30 -8.76 20.43
CA VAL B 174 7.15 -7.99 20.88
C VAL B 174 5.84 -8.79 20.84
N ALA B 175 5.83 -9.91 20.13
CA ALA B 175 4.66 -10.77 20.08
C ALA B 175 5.12 -12.19 19.81
N GLU B 176 4.35 -13.16 20.28
CA GLU B 176 4.73 -14.55 20.08
C GLU B 176 3.50 -15.44 20.02
N SER B 177 3.64 -16.53 19.27
CA SER B 177 2.69 -17.63 19.25
C SER B 177 3.56 -18.87 19.21
N ARG B 178 3.25 -19.86 20.04
CA ARG B 178 4.14 -21.01 20.13
C ARG B 178 3.39 -22.27 20.52
N ARG B 179 4.00 -23.40 20.18
CA ARG B 179 3.51 -24.69 20.63
C ARG B 179 3.54 -24.70 22.16
N GLU B 180 2.53 -25.31 22.77
CA GLU B 180 2.37 -25.25 24.22
C GLU B 180 3.62 -25.67 25.00
N ASP B 181 4.34 -26.68 24.50
CA ASP B 181 5.52 -27.14 25.23
C ASP B 181 6.77 -26.30 24.99
N LEU B 182 6.75 -25.36 24.03
CA LEU B 182 7.94 -24.56 23.76
C LEU B 182 8.14 -23.44 24.79
N GLU B 183 9.41 -23.18 25.10
CA GLU B 183 9.77 -22.08 25.98
C GLU B 183 9.48 -20.74 25.32
N SER B 184 8.84 -19.84 26.05
CA SER B 184 8.51 -18.53 25.51
C SER B 184 9.72 -17.60 25.52
N TYR B 185 9.94 -16.93 24.39
CA TYR B 185 10.99 -15.92 24.25
C TYR B 185 10.43 -14.50 24.25
N LEU B 186 9.14 -14.34 24.57
CA LEU B 186 8.52 -13.03 24.59
C LEU B 186 9.26 -12.08 25.52
N GLY B 187 9.53 -10.87 25.02
CA GLY B 187 10.27 -9.88 25.77
C GLY B 187 11.78 -10.00 25.72
N GLN B 188 12.32 -11.04 25.10
CA GLN B 188 13.76 -11.19 24.99
C GLN B 188 14.39 -10.08 24.17
N ARG B 189 15.57 -9.65 24.58
CA ARG B 189 16.39 -8.69 23.87
C ARG B 189 17.64 -9.38 23.35
N TYR B 190 18.14 -8.92 22.21
CA TYR B 190 19.39 -9.44 21.68
C TYR B 190 20.10 -8.31 20.94
N PRO B 191 21.43 -8.34 20.90
CA PRO B 191 22.17 -7.22 20.32
C PRO B 191 22.13 -7.20 18.80
N ALA B 192 22.43 -6.01 18.26
CA ALA B 192 22.51 -5.84 16.82
C ALA B 192 23.54 -6.75 16.19
N SER B 193 24.59 -7.09 16.95
CA SER B 193 25.64 -7.98 16.46
C SER B 193 25.15 -9.38 16.12
N ASP B 194 23.94 -9.75 16.53
CA ASP B 194 23.42 -11.07 16.16
C ASP B 194 22.90 -11.12 14.73
N ILE B 195 22.75 -9.97 14.07
CA ILE B 195 22.38 -9.92 12.67
C ILE B 195 23.36 -8.95 11.99
N PRO B 196 24.43 -9.46 11.38
CA PRO B 196 25.44 -8.57 10.80
C PRO B 196 24.87 -7.67 9.71
N ALA B 197 25.57 -6.55 9.50
CA ALA B 197 25.14 -5.54 8.53
C ALA B 197 24.81 -6.14 7.17
N GLN B 198 25.55 -7.17 6.76
CA GLN B 198 25.25 -7.81 5.48
C GLN B 198 23.93 -8.58 5.55
N ALA B 199 23.65 -9.20 6.70
CA ALA B 199 22.36 -9.88 6.86
C ALA B 199 21.21 -8.89 6.92
N ARG B 200 21.42 -7.75 7.58
CA ARG B 200 20.38 -6.72 7.59
C ARG B 200 20.13 -6.17 6.20
N ARG B 201 21.21 -6.00 5.41
CA ARG B 201 21.07 -5.56 4.03
C ARG B 201 20.25 -6.56 3.23
N LEU B 202 20.55 -7.85 3.38
CA LEU B 202 19.80 -8.87 2.65
C LEU B 202 18.34 -8.91 3.10
N TYR B 203 18.08 -8.75 4.40
CA TYR B 203 16.71 -8.74 4.89
C TYR B 203 15.93 -7.54 4.36
N ILE B 204 16.61 -6.43 4.12
CA ILE B 204 15.94 -5.25 3.58
C ILE B 204 15.69 -5.40 2.08
N GLN B 205 16.66 -5.98 1.37
CA GLN B 205 16.55 -6.15 -0.08
C GLN B 205 15.64 -7.30 -0.48
N ASN B 206 15.69 -8.42 0.24
CA ASN B 206 14.89 -9.58 -0.11
C ASN B 206 13.75 -9.76 0.88
N PRO B 207 12.49 -9.62 0.44
CA PRO B 207 11.35 -9.68 1.38
C PRO B 207 11.16 -11.00 2.09
N ILE B 208 11.63 -12.13 1.55
CA ILE B 208 11.42 -13.41 2.18
C ILE B 208 12.71 -14.21 2.19
N ARG B 209 12.98 -14.85 3.34
CA ARG B 209 14.14 -15.71 3.55
C ARG B 209 13.62 -17.02 4.12
N LEU B 210 14.06 -18.13 3.55
CA LEU B 210 13.62 -19.44 4.02
C LEU B 210 14.80 -20.38 4.20
N ILE B 211 14.77 -21.15 5.28
CA ILE B 211 15.78 -22.14 5.61
C ILE B 211 15.06 -23.46 5.77
N ALA B 212 15.12 -24.31 4.74
CA ALA B 212 14.37 -25.57 4.75
C ALA B 212 14.94 -26.57 5.75
N ASP B 213 16.26 -26.60 5.96
CA ASP B 213 16.85 -27.51 6.94
C ASP B 213 18.17 -26.91 7.40
N VAL B 214 18.29 -26.69 8.71
CA VAL B 214 19.53 -26.11 9.26
C VAL B 214 20.67 -27.13 9.26
N ALA B 215 20.36 -28.42 9.34
CA ALA B 215 21.36 -29.47 9.36
C ALA B 215 21.81 -29.90 7.96
N TYR B 216 21.41 -29.14 6.94
CA TYR B 216 21.74 -29.45 5.56
C TYR B 216 23.25 -29.35 5.31
N THR B 217 23.67 -29.91 4.18
CA THR B 217 25.03 -29.79 3.69
C THR B 217 24.97 -29.01 2.38
N PRO B 218 25.61 -27.85 2.29
CA PRO B 218 25.53 -27.05 1.05
C PRO B 218 26.04 -27.79 -0.17
N MET B 219 25.41 -27.51 -1.31
CA MET B 219 25.83 -28.02 -2.61
C MET B 219 26.58 -26.90 -3.31
N ARG B 220 27.81 -27.18 -3.74
CA ARG B 220 28.63 -26.14 -4.34
C ARG B 220 28.23 -25.82 -5.78
N VAL B 221 28.60 -24.61 -6.19
CA VAL B 221 28.39 -24.09 -7.53
C VAL B 221 29.76 -24.00 -8.19
N PHE B 222 29.91 -24.66 -9.34
CA PHE B 222 31.19 -24.71 -10.03
C PHE B 222 31.08 -24.10 -11.43
N PRO B 223 32.01 -23.21 -11.82
CA PRO B 223 33.13 -22.68 -11.03
C PRO B 223 32.70 -21.69 -9.95
N ALA B 224 33.50 -21.55 -8.89
CA ALA B 224 33.14 -20.61 -7.84
C ALA B 224 33.33 -19.18 -8.29
N LEU B 225 34.40 -18.91 -9.02
CA LEU B 225 34.66 -17.62 -9.62
C LEU B 225 33.96 -17.52 -10.98
N ASN B 226 33.53 -16.32 -11.32
CA ASN B 226 32.87 -16.10 -12.60
C ASN B 226 33.88 -16.33 -13.72
N PRO B 227 33.54 -17.12 -14.74
CA PRO B 227 34.49 -17.33 -15.86
C PRO B 227 34.94 -16.05 -16.53
N GLU B 228 34.07 -15.03 -16.60
CA GLU B 228 34.41 -13.78 -17.28
C GLU B 228 35.15 -12.81 -16.38
N THR B 229 34.75 -12.69 -15.13
CA THR B 229 35.40 -11.80 -14.16
C THR B 229 35.84 -12.63 -12.97
N ASN B 230 37.05 -12.35 -12.49
CA ASN B 230 37.63 -13.17 -11.43
C ASN B 230 37.01 -12.86 -10.08
N GLU B 231 35.68 -12.95 -9.99
CA GLU B 231 34.95 -12.69 -8.75
C GLU B 231 33.85 -13.73 -8.60
N SER B 232 33.50 -14.00 -7.33
CA SER B 232 32.44 -14.94 -7.01
C SER B 232 31.08 -14.41 -7.45
N PHE B 233 30.19 -15.33 -7.82
CA PHE B 233 28.84 -14.98 -8.21
C PHE B 233 28.06 -14.40 -7.03
N ASP B 234 27.44 -13.24 -7.23
CA ASP B 234 26.65 -12.61 -6.18
C ASP B 234 25.25 -13.24 -6.15
N LEU B 235 24.98 -14.03 -5.11
CA LEU B 235 23.71 -14.74 -4.94
C LEU B 235 22.73 -14.00 -4.04
N SER B 236 22.91 -12.71 -3.82
CA SER B 236 22.06 -11.92 -2.93
C SER B 236 20.56 -12.16 -3.05
N TYR B 237 20.03 -12.26 -4.26
CA TYR B 237 18.60 -12.48 -4.45
C TYR B 237 18.22 -13.95 -4.61
N SER B 238 19.19 -14.85 -4.62
CA SER B 238 18.86 -16.27 -4.78
C SER B 238 18.02 -16.76 -3.62
N VAL B 239 16.98 -17.53 -3.94
CA VAL B 239 16.12 -18.10 -2.90
C VAL B 239 16.78 -19.30 -2.24
N LEU B 240 17.67 -19.99 -2.94
CA LEU B 240 18.37 -21.16 -2.45
C LEU B 240 19.68 -20.84 -1.73
N ARG B 241 20.06 -19.57 -1.64
CA ARG B 241 21.33 -19.18 -1.03
C ARG B 241 21.61 -19.90 0.28
N SER B 242 22.84 -20.41 0.40
CA SER B 242 23.28 -21.14 1.59
C SER B 242 23.24 -20.26 2.84
N VAL B 243 23.22 -20.94 4.00
CA VAL B 243 23.16 -20.30 5.31
C VAL B 243 24.56 -20.27 5.92
N SER B 244 24.84 -19.21 6.67
CA SER B 244 26.11 -19.10 7.36
C SER B 244 26.27 -20.24 8.36
N PRO B 245 27.47 -20.81 8.50
CA PRO B 245 27.66 -21.88 9.50
C PRO B 245 27.41 -21.44 10.93
N ILE B 246 27.62 -20.17 11.25
CA ILE B 246 27.38 -19.69 12.60
C ILE B 246 25.89 -19.60 12.90
N HIS B 247 25.10 -19.10 11.95
CA HIS B 247 23.66 -19.09 12.20
C HIS B 247 23.10 -20.50 12.25
N CYS B 248 23.66 -21.41 11.47
CA CYS B 248 23.23 -22.80 11.56
C CYS B 248 23.53 -23.36 12.94
N GLU B 249 24.71 -23.08 13.48
CA GLU B 249 25.04 -23.55 14.83
C GLU B 249 24.16 -22.90 15.89
N TYR B 250 23.84 -21.61 15.71
CA TYR B 250 22.96 -20.91 16.64
C TYR B 250 21.58 -21.54 16.67
N LEU B 251 20.97 -21.71 15.50
CA LEU B 251 19.66 -22.35 15.44
C LEU B 251 19.73 -23.80 15.92
N THR B 252 20.84 -24.48 15.66
CA THR B 252 21.03 -25.85 16.11
C THR B 252 20.98 -25.95 17.62
N ASN B 253 21.63 -25.00 18.31
CA ASN B 253 21.61 -25.03 19.77
C ASN B 253 20.19 -24.88 20.31
N MET B 254 19.37 -24.05 19.66
CA MET B 254 17.98 -23.89 20.04
C MET B 254 17.10 -25.05 19.60
N GLY B 255 17.63 -26.00 18.84
CA GLY B 255 16.83 -27.09 18.32
C GLY B 255 15.97 -26.71 17.14
N VAL B 256 16.19 -25.53 16.56
CA VAL B 256 15.46 -25.08 15.39
C VAL B 256 16.04 -25.76 14.16
N ARG B 257 15.19 -26.41 13.37
CA ARG B 257 15.62 -27.09 12.15
C ARG B 257 15.19 -26.40 10.88
N ALA B 258 14.20 -25.51 10.94
CA ALA B 258 13.77 -24.77 9.76
C ALA B 258 13.29 -23.39 10.20
N SER B 259 13.33 -22.44 9.26
CA SER B 259 12.92 -21.09 9.56
C SER B 259 12.44 -20.38 8.31
N MET B 260 11.54 -19.42 8.50
CA MET B 260 11.05 -18.53 7.46
C MET B 260 10.80 -17.19 8.12
N SER B 261 11.30 -16.11 7.52
CA SER B 261 11.15 -14.79 8.10
C SER B 261 10.68 -13.77 7.07
N ILE B 262 9.71 -12.94 7.47
CA ILE B 262 9.07 -11.96 6.61
C ILE B 262 9.49 -10.58 7.11
N SER B 263 10.20 -9.84 6.27
CA SER B 263 10.72 -8.53 6.63
C SER B 263 9.65 -7.43 6.57
N ILE B 264 9.76 -6.49 7.49
CA ILE B 264 8.94 -5.28 7.51
C ILE B 264 9.90 -4.12 7.28
N VAL B 265 9.76 -3.41 6.17
CA VAL B 265 10.67 -2.34 5.81
C VAL B 265 9.93 -1.02 5.85
N VAL B 266 10.45 -0.09 6.66
CA VAL B 266 9.88 1.24 6.81
C VAL B 266 11.03 2.23 6.70
N GLY B 267 10.82 3.30 5.94
CA GLY B 267 11.87 4.29 5.73
C GLY B 267 13.14 3.74 5.14
N GLY B 268 13.05 2.63 4.40
CA GLY B 268 14.22 2.01 3.81
C GLY B 268 15.08 1.22 4.78
N LYS B 269 14.58 0.95 5.98
CA LYS B 269 15.30 0.19 6.99
C LYS B 269 14.44 -0.95 7.48
N LEU B 270 15.09 -1.97 8.03
CA LEU B 270 14.39 -3.12 8.57
C LEU B 270 13.72 -2.69 9.88
N TRP B 271 12.42 -2.39 9.80
CA TRP B 271 11.67 -1.92 10.96
C TRP B 271 11.25 -3.07 11.87
N GLY B 272 10.91 -4.22 11.29
CA GLY B 272 10.50 -5.37 12.07
C GLY B 272 10.63 -6.61 11.23
N LEU B 273 10.42 -7.76 11.87
CA LEU B 273 10.58 -9.03 11.16
C LEU B 273 9.73 -10.11 11.83
N PHE B 274 8.85 -10.74 11.07
CA PHE B 274 8.12 -11.90 11.55
C PHE B 274 9.01 -13.10 11.28
N SER B 275 9.45 -13.79 12.33
CA SER B 275 10.30 -14.96 12.15
C SER B 275 9.60 -16.20 12.65
N CYS B 276 9.43 -17.16 11.75
CA CYS B 276 8.76 -18.43 12.04
C CYS B 276 9.83 -19.50 12.20
N HIS B 277 9.79 -20.22 13.32
CA HIS B 277 10.79 -21.26 13.57
C HIS B 277 10.10 -22.60 13.71
N HIS B 278 10.77 -23.64 13.22
CA HIS B 278 10.26 -25.00 13.28
C HIS B 278 11.33 -25.93 13.82
N MET B 279 10.90 -26.91 14.60
CA MET B 279 11.81 -27.87 15.21
C MET B 279 12.12 -29.04 14.29
N SER B 280 11.56 -29.04 13.07
CA SER B 280 11.85 -30.07 12.08
C SER B 280 11.82 -29.41 10.71
N PRO B 281 12.45 -30.03 9.71
CA PRO B 281 12.46 -29.46 8.35
C PRO B 281 11.07 -29.10 7.84
N LYS B 282 10.96 -27.94 7.18
CA LYS B 282 9.68 -27.49 6.66
C LYS B 282 9.90 -26.59 5.44
N LEU B 283 9.23 -26.94 4.34
CA LEU B 283 9.27 -26.19 3.09
C LEU B 283 7.94 -25.46 2.89
N ILE B 284 8.03 -24.22 2.42
CA ILE B 284 6.85 -23.43 2.08
C ILE B 284 6.79 -23.27 0.56
N PRO B 285 5.74 -23.75 -0.11
CA PRO B 285 5.68 -23.66 -1.57
C PRO B 285 5.91 -22.24 -2.08
N TYR B 286 6.57 -22.15 -3.23
CA TYR B 286 6.90 -20.84 -3.82
C TYR B 286 5.71 -19.92 -4.02
N PRO B 287 4.56 -20.37 -4.56
CA PRO B 287 3.42 -19.43 -4.70
C PRO B 287 2.98 -18.84 -3.37
N VAL B 288 3.09 -19.62 -2.30
CA VAL B 288 2.73 -19.11 -0.98
C VAL B 288 3.77 -18.13 -0.50
N ARG B 289 5.06 -18.42 -0.73
CA ARG B 289 6.09 -17.45 -0.40
C ARG B 289 5.88 -16.13 -1.16
N MET B 290 5.48 -16.21 -2.43
CA MET B 290 5.18 -14.99 -3.18
C MET B 290 4.00 -14.23 -2.59
N SER B 291 3.03 -14.97 -2.06
CA SER B 291 1.90 -14.31 -1.39
C SER B 291 2.34 -13.63 -0.11
N PHE B 292 3.24 -14.28 0.64
CA PHE B 292 3.82 -13.63 1.81
C PHE B 292 4.72 -12.47 1.43
N GLN B 293 5.32 -12.50 0.24
CA GLN B 293 6.12 -11.37 -0.23
C GLN B 293 5.23 -10.16 -0.49
N ILE B 294 4.04 -10.40 -1.02
CA ILE B 294 3.10 -9.30 -1.20
C ILE B 294 2.57 -8.86 0.16
N PHE B 295 2.37 -9.81 1.07
CA PHE B 295 2.01 -9.45 2.44
C PHE B 295 3.07 -8.57 3.07
N SER B 296 4.35 -8.90 2.87
CA SER B 296 5.44 -8.07 3.38
C SER B 296 5.36 -6.66 2.84
N GLN B 297 5.11 -6.51 1.53
CA GLN B 297 5.03 -5.17 0.95
C GLN B 297 3.81 -4.39 1.46
N VAL B 298 2.66 -5.06 1.56
CA VAL B 298 1.45 -4.41 2.05
C VAL B 298 1.56 -4.07 3.53
N CYS B 299 2.00 -5.03 4.35
CA CYS B 299 2.17 -4.79 5.77
C CYS B 299 3.20 -3.71 6.03
N SER B 300 4.27 -3.67 5.24
CA SER B 300 5.24 -2.59 5.37
C SER B 300 4.59 -1.23 5.10
N ALA B 301 3.72 -1.15 4.08
CA ALA B 301 3.05 0.11 3.79
C ALA B 301 2.08 0.49 4.92
N ILE B 302 1.35 -0.49 5.43
CA ILE B 302 0.40 -0.25 6.52
C ILE B 302 1.14 0.17 7.80
N VAL B 303 2.17 -0.55 8.18
CA VAL B 303 2.95 -0.20 9.37
C VAL B 303 3.58 1.18 9.20
N GLU B 304 4.03 1.51 7.99
CA GLU B 304 4.58 2.85 7.77
C GLU B 304 3.51 3.92 8.00
N ARG B 305 2.30 3.68 7.50
CA ARG B 305 1.20 4.63 7.71
C ARG B 305 0.83 4.74 9.18
N LEU B 306 0.72 3.60 9.87
CA LEU B 306 0.38 3.59 11.29
C LEU B 306 1.45 4.25 12.14
N GLU B 307 2.73 4.06 11.81
CA GLU B 307 3.78 4.75 12.53
C GLU B 307 3.77 6.25 12.26
N GLN B 308 3.51 6.65 11.02
CA GLN B 308 3.37 8.07 10.73
C GLN B 308 2.21 8.66 11.52
N GLY B 309 1.10 7.92 11.62
CA GLY B 309 -0.04 8.38 12.40
C GLY B 309 0.28 8.50 13.88
N ARG B 310 0.92 7.49 14.44
CA ARG B 310 1.31 7.52 15.85
C ARG B 310 2.25 8.67 16.15
N ILE B 311 3.24 8.90 15.27
CA ILE B 311 4.16 10.02 15.47
C ILE B 311 3.42 11.35 15.37
N ALA B 312 2.59 11.51 14.34
CA ALA B 312 1.82 12.75 14.20
C ALA B 312 0.92 12.99 15.41
N GLU B 313 0.27 11.94 15.92
CA GLU B 313 -0.58 12.08 17.10
C GLU B 313 0.22 12.46 18.33
N LEU B 314 1.40 11.85 18.52
CA LEU B 314 2.23 12.24 19.65
C LEU B 314 2.73 13.67 19.52
N LEU B 315 3.02 14.10 18.29
CA LEU B 315 3.42 15.50 18.08
C LEU B 315 2.27 16.44 18.36
N ARG B 316 1.06 16.07 17.95
CA ARG B 316 -0.13 16.88 18.24
C ARG B 316 -0.35 17.02 19.74
N VAL B 317 -0.45 15.88 20.43
CA VAL B 317 -0.67 15.89 21.88
C VAL B 317 0.45 16.64 22.60
N SER B 318 1.70 16.41 22.21
CA SER B 318 2.82 17.11 22.81
C SER B 318 2.74 18.61 22.56
N THR B 319 2.35 19.03 21.35
CA THR B 319 2.18 20.45 21.06
C THR B 319 1.08 21.06 21.90
N GLU B 320 -0.02 20.33 22.09
CA GLU B 320 -1.10 20.83 22.94
C GLU B 320 -0.66 20.99 24.39
N ARG B 321 0.06 19.98 24.91
CA ARG B 321 0.59 20.08 26.27
C ARG B 321 1.59 21.22 26.39
N ARG B 322 2.49 21.33 25.42
CA ARG B 322 3.51 22.39 25.42
C ARG B 322 2.87 23.77 25.40
N LEU B 323 1.88 23.99 24.54
CA LEU B 323 1.22 25.28 24.49
C LEU B 323 0.44 25.56 25.77
N ALA B 324 -0.26 24.55 26.31
CA ALA B 324 -0.98 24.72 27.56
C ALA B 324 -0.03 25.11 28.69
N LEU B 325 1.11 24.44 28.79
CA LEU B 325 2.08 24.76 29.83
C LEU B 325 2.72 26.14 29.59
N ALA B 326 3.04 26.46 28.33
CA ALA B 326 3.62 27.76 28.01
C ALA B 326 2.66 28.90 28.37
N ARG B 327 1.36 28.66 28.25
CA ARG B 327 0.38 29.65 28.68
C ARG B 327 0.28 29.71 30.20
N ARG B 328 0.07 28.55 30.83
CA ARG B 328 -0.06 28.50 32.28
C ARG B 328 1.16 29.08 33.01
N ALA B 329 2.36 28.94 32.44
CA ALA B 329 3.55 29.50 33.07
C ALA B 329 3.42 31.00 33.29
N ARG B 330 2.73 31.68 32.39
CA ARG B 330 2.48 33.11 32.56
C ARG B 330 1.21 33.32 33.38
N ASP B 331 0.21 32.46 33.17
CA ASP B 331 -1.07 32.58 33.86
C ASP B 331 -1.02 32.09 35.31
N ALA B 332 -0.19 31.11 35.62
CA ALA B 332 -0.14 30.59 36.98
C ALA B 332 0.59 31.54 37.93
N ASP B 333 0.35 31.32 39.23
CA ASP B 333 0.95 32.14 40.28
C ASP B 333 2.43 31.81 40.48
N ASP B 334 2.85 30.60 40.18
CA ASP B 334 4.24 30.21 40.37
C ASP B 334 4.69 29.34 39.20
N LEU B 335 5.88 29.64 38.67
CA LEU B 335 6.44 28.87 37.57
C LEU B 335 6.73 27.43 37.98
N PHE B 336 7.07 27.21 39.25
CA PHE B 336 7.26 25.84 39.72
C PHE B 336 5.95 25.07 39.76
N GLY B 337 4.85 25.73 40.15
CA GLY B 337 3.56 25.06 40.15
C GLY B 337 3.15 24.61 38.76
N ALA B 338 3.50 25.40 37.75
CA ALA B 338 3.22 25.05 36.36
C ALA B 338 4.14 23.95 35.86
N LEU B 339 5.46 24.21 35.87
CA LEU B 339 6.42 23.25 35.34
C LEU B 339 6.40 21.92 36.08
N ALA B 340 6.24 21.96 37.41
CA ALA B 340 6.27 20.73 38.20
C ALA B 340 4.89 20.11 38.40
N HIS B 341 3.86 20.58 37.68
CA HIS B 341 2.53 20.00 37.81
C HIS B 341 2.58 18.52 37.42
N PRO B 342 2.01 17.63 38.24
CA PRO B 342 2.11 16.19 37.96
C PRO B 342 1.63 15.74 36.58
N ASP B 343 0.62 16.40 36.01
CA ASP B 343 0.07 15.99 34.72
C ASP B 343 0.29 17.01 33.60
N ASP B 344 0.32 18.29 33.91
CA ASP B 344 0.48 19.34 32.91
C ASP B 344 1.89 19.90 32.83
N GLY B 345 2.77 19.53 33.76
CA GLY B 345 4.12 20.03 33.77
C GLY B 345 5.05 19.37 32.74
N ILE B 346 6.32 19.77 32.82
CA ILE B 346 7.35 19.30 31.90
C ILE B 346 7.52 17.78 31.92
N ALA B 347 7.18 17.14 33.05
CA ALA B 347 7.33 15.70 33.14
C ALA B 347 6.38 14.95 32.20
N ALA B 348 5.35 15.61 31.70
CA ALA B 348 4.43 15.03 30.74
C ALA B 348 4.81 15.31 29.28
N LEU B 349 5.82 16.15 29.06
CA LEU B 349 6.23 16.49 27.70
C LEU B 349 7.13 15.42 27.09
N ILE B 350 8.11 14.91 27.83
CA ILE B 350 9.02 13.88 27.35
C ILE B 350 8.91 12.67 28.28
N PRO B 351 8.66 11.48 27.76
CA PRO B 351 8.60 10.28 28.62
C PRO B 351 9.92 10.12 29.37
N CYS B 352 9.85 10.22 30.69
CA CYS B 352 11.03 10.17 31.52
C CYS B 352 10.73 9.43 32.82
N ASP B 353 11.81 9.02 33.48
CA ASP B 353 11.75 8.35 34.77
C ASP B 353 11.85 9.35 35.92
N GLY B 354 11.84 10.64 35.59
CA GLY B 354 11.91 11.70 36.58
C GLY B 354 12.34 12.99 35.92
N ALA B 355 12.21 14.07 36.70
CA ALA B 355 12.58 15.39 36.22
C ALA B 355 13.01 16.26 37.40
N LEU B 356 13.66 17.37 37.08
CA LEU B 356 14.09 18.33 38.08
C LEU B 356 13.96 19.73 37.52
N VAL B 357 13.53 20.66 38.37
CA VAL B 357 13.39 22.07 38.03
C VAL B 357 14.32 22.88 38.92
N MET B 358 15.10 23.77 38.31
CA MET B 358 16.01 24.64 39.03
C MET B 358 15.87 26.05 38.51
N LEU B 359 15.79 27.02 39.43
CA LEU B 359 15.65 28.43 39.07
C LEU B 359 15.89 29.33 40.27
N GLY B 360 16.79 30.30 40.14
CA GLY B 360 17.07 31.23 41.22
C GLY B 360 17.45 30.59 42.52
N GLY B 361 18.14 29.44 42.47
CA GLY B 361 18.50 28.71 43.66
C GLY B 361 17.45 27.74 44.14
N ARG B 362 16.23 27.84 43.64
CA ARG B 362 15.16 26.91 43.97
C ARG B 362 15.34 25.60 43.23
N THR B 363 14.94 24.50 43.87
CA THR B 363 15.03 23.17 43.26
C THR B 363 13.84 22.34 43.69
N LEU B 364 13.44 21.41 42.82
CA LEU B 364 12.33 20.51 43.09
C LEU B 364 12.47 19.29 42.20
N SER B 365 12.56 18.11 42.79
CA SER B 365 12.61 16.86 42.05
C SER B 365 11.22 16.36 41.75
N ILE B 366 11.06 15.76 40.57
CA ILE B 366 9.77 15.26 40.11
C ILE B 366 9.90 13.77 39.83
N ARG B 367 9.01 12.99 40.46
CA ARG B 367 8.97 11.53 40.38
C ARG B 367 10.22 10.86 40.95
N GLY B 368 11.07 11.60 41.65
CA GLY B 368 12.27 11.02 42.21
C GLY B 368 13.13 12.00 43.00
N ASP B 369 14.44 11.79 42.97
CA ASP B 369 15.40 12.64 43.69
C ASP B 369 16.62 12.74 42.78
N PHE B 370 16.87 13.93 42.23
CA PHE B 370 17.92 14.10 41.22
C PHE B 370 18.80 15.32 41.46
N GLU B 371 18.78 15.88 42.68
CA GLU B 371 19.52 17.11 42.96
C GLU B 371 21.02 16.98 42.72
N ARG B 372 21.63 15.88 43.17
CA ARG B 372 23.09 15.74 43.00
C ARG B 372 23.45 15.48 41.55
N GLN B 373 22.63 14.73 40.82
CA GLN B 373 22.93 14.51 39.40
C GLN B 373 22.94 15.84 38.65
N ALA B 374 21.97 16.71 38.94
CA ALA B 374 21.95 18.03 38.33
C ALA B 374 23.17 18.85 38.73
N GLY B 375 23.55 18.78 40.01
CA GLY B 375 24.74 19.50 40.46
C GLY B 375 26.00 19.06 39.73
N ASN B 376 26.20 17.75 39.63
CA ASN B 376 27.36 17.22 38.93
C ASN B 376 27.31 17.57 37.44
N VAL B 377 26.12 17.55 36.83
CA VAL B 377 26.00 17.94 35.43
C VAL B 377 26.43 19.40 35.26
N LEU B 378 26.00 20.28 36.17
CA LEU B 378 26.43 21.67 36.09
C LEU B 378 27.94 21.79 36.28
N GLN B 379 28.51 21.01 37.21
CA GLN B 379 29.96 21.05 37.40
C GLN B 379 30.70 20.58 36.16
N ARG B 380 30.11 19.67 35.39
CA ARG B 380 30.69 19.24 34.13
C ARG B 380 30.49 20.31 33.07
N LEU B 381 29.28 20.89 33.02
CA LEU B 381 28.97 21.94 32.07
C LEU B 381 29.81 23.19 32.30
N GLN B 382 30.28 23.43 33.52
CA GLN B 382 31.12 24.59 33.79
C GLN B 382 32.39 24.58 32.95
N ARG B 383 32.77 23.43 32.40
CA ARG B 383 33.91 23.31 31.52
C ARG B 383 33.56 23.69 30.08
N ASP B 384 32.27 23.80 29.78
CA ASP B 384 31.78 24.19 28.46
C ASP B 384 30.43 24.86 28.68
N PRO B 385 30.42 26.03 29.33
CA PRO B 385 29.16 26.63 29.79
C PRO B 385 28.28 27.21 28.70
N GLU B 386 28.75 27.34 27.46
CA GLU B 386 27.89 27.92 26.43
C GLU B 386 26.82 26.96 25.92
N ARG B 387 26.83 25.71 26.39
CA ARG B 387 25.82 24.73 25.99
C ARG B 387 24.49 25.07 26.65
N ASP B 388 23.62 25.76 25.94
CA ASP B 388 22.29 26.06 26.47
C ASP B 388 21.40 24.84 26.47
N ILE B 389 21.76 23.81 25.71
CA ILE B 389 21.06 22.54 25.66
C ILE B 389 22.10 21.45 25.87
N TYR B 390 21.82 20.52 26.77
CA TYR B 390 22.75 19.44 27.08
C TYR B 390 22.01 18.12 26.93
N HIS B 391 22.70 17.13 26.36
CA HIS B 391 22.11 15.84 26.06
C HIS B 391 23.14 14.75 26.29
N THR B 392 22.77 13.76 27.11
CA THR B 392 23.61 12.59 27.28
C THR B 392 22.73 11.38 27.58
N ASP B 393 23.10 10.25 27.00
CA ASP B 393 22.44 8.97 27.23
C ASP B 393 23.37 7.97 27.91
N ASN B 394 24.55 8.43 28.33
CA ASN B 394 25.58 7.59 28.92
C ASN B 394 26.35 8.42 29.96
N TRP B 395 25.64 8.96 30.93
CA TRP B 395 26.31 9.65 32.02
C TRP B 395 27.15 8.63 32.80
N PRO B 396 28.42 8.94 33.10
CA PRO B 396 29.28 7.95 33.76
C PRO B 396 28.82 7.64 35.17
N GLN B 397 28.67 6.36 35.45
CA GLN B 397 28.35 5.91 36.79
C GLN B 397 29.56 6.13 37.69
N PRO B 398 29.39 6.70 38.88
CA PRO B 398 30.54 7.01 39.73
C PRO B 398 31.12 5.78 40.40
N SER B 399 32.36 5.94 40.86
CA SER B 399 33.03 4.92 41.65
C SER B 399 32.41 4.85 43.05
N GLU B 400 32.72 3.77 43.77
CA GLU B 400 32.19 3.57 45.10
C GLU B 400 32.80 4.52 46.13
N ASP B 401 33.40 5.61 45.67
CA ASP B 401 33.99 6.61 46.56
C ASP B 401 32.95 7.54 47.16
N SER B 402 31.68 7.43 46.74
CA SER B 402 30.59 8.25 47.25
C SER B 402 29.33 7.42 47.38
N PRO B 403 28.55 7.61 48.45
CA PRO B 403 27.29 6.86 48.56
C PRO B 403 26.24 7.34 47.58
N ASP B 404 26.19 8.65 47.31
CA ASP B 404 25.31 9.19 46.30
C ASP B 404 25.94 9.00 44.93
N GLY B 405 25.11 8.76 43.92
CA GLY B 405 25.66 8.56 42.59
C GLY B 405 24.68 8.82 41.47
N GLY B 406 25.24 8.90 40.28
CA GLY B 406 24.51 9.17 39.06
C GLY B 406 23.72 8.00 38.52
N ASP B 407 22.76 7.51 39.31
CA ASP B 407 21.91 6.41 38.85
C ASP B 407 21.14 6.76 37.59
N CYS B 408 20.96 8.05 37.33
CA CYS B 408 20.29 8.54 36.11
C CYS B 408 21.32 8.54 34.99
N CYS B 409 21.42 7.40 34.31
CA CYS B 409 22.36 7.23 33.21
C CYS B 409 22.12 8.20 32.06
N GLY B 410 20.92 8.75 31.94
CA GLY B 410 20.62 9.72 30.89
C GLY B 410 20.17 11.05 31.47
N VAL B 411 20.69 12.14 30.91
CA VAL B 411 20.32 13.49 31.32
C VAL B 411 20.16 14.36 30.09
N LEU B 412 19.06 15.12 30.06
CA LEU B 412 18.75 16.09 29.02
C LEU B 412 18.35 17.37 29.72
N ALA B 413 18.91 18.51 29.29
CA ALA B 413 18.65 19.74 30.00
C ALA B 413 18.55 20.94 29.08
N ILE B 414 17.86 21.97 29.59
CA ILE B 414 17.63 23.24 28.90
C ILE B 414 17.84 24.38 29.89
N ARG B 415 18.61 25.39 29.49
CA ARG B 415 18.82 26.60 30.28
C ARG B 415 17.83 27.66 29.81
N PHE B 416 16.68 27.72 30.46
CA PHE B 416 15.64 28.68 30.08
C PHE B 416 15.87 30.08 30.65
N HIS B 417 16.71 30.23 31.67
CA HIS B 417 16.93 31.57 32.23
C HIS B 417 18.37 31.67 32.75
N ARG B 418 19.28 32.06 31.84
CA ARG B 418 20.69 32.20 32.16
C ARG B 418 20.96 33.16 33.33
N GLN B 419 20.05 34.09 33.58
CA GLN B 419 20.24 35.09 34.63
C GLN B 419 20.15 34.51 36.04
N GLU B 420 19.42 33.42 36.24
CA GLU B 420 19.23 32.90 37.60
C GLU B 420 19.29 31.38 37.65
N SER B 421 20.21 30.79 36.88
CA SER B 421 20.40 29.33 36.85
C SER B 421 19.13 28.58 36.49
N GLY B 422 18.29 29.17 35.64
CA GLY B 422 17.06 28.52 35.24
C GLY B 422 17.35 27.31 34.37
N TRP B 423 17.25 26.12 34.96
CA TRP B 423 17.54 24.87 34.28
C TRP B 423 16.39 23.88 34.43
N ILE B 424 16.09 23.20 33.34
CA ILE B 424 15.09 22.13 33.25
C ILE B 424 15.83 20.84 32.95
N PHE B 425 15.53 19.77 33.70
CA PHE B 425 16.18 18.49 33.48
C PHE B 425 15.19 17.35 33.39
N TRP B 426 15.47 16.42 32.46
CA TRP B 426 14.77 15.16 32.33
C TRP B 426 15.77 14.06 32.60
N PHE B 427 15.36 13.02 33.33
CA PHE B 427 16.25 11.93 33.69
C PHE B 427 15.64 10.60 33.29
N ARG B 428 16.51 9.63 33.00
CA ARG B 428 16.11 8.27 32.67
C ARG B 428 17.07 7.30 33.33
N HIS B 429 16.54 6.15 33.74
CA HIS B 429 17.36 5.11 34.34
C HIS B 429 17.97 4.21 33.28
N GLU B 430 18.91 3.38 33.72
CA GLU B 430 19.59 2.44 32.83
C GLU B 430 18.60 1.59 32.05
N GLU B 431 18.91 1.35 30.77
CA GLU B 431 18.04 0.54 29.93
C GLU B 431 18.01 -0.92 30.38
N VAL B 432 19.04 -1.36 31.10
CA VAL B 432 19.02 -2.69 31.71
C VAL B 432 18.11 -2.70 32.93
N HIS B 433 18.22 -1.64 33.76
CA HIS B 433 17.37 -1.51 34.94
C HIS B 433 15.90 -1.41 34.56
N ARG B 434 15.60 -0.81 33.41
CA ARG B 434 14.24 -0.72 32.90
C ARG B 434 13.66 -2.07 32.48
N ILE B 435 14.46 -3.14 32.43
CA ILE B 435 14.00 -4.43 31.93
C ILE B 435 14.24 -5.57 32.91
N ARG B 436 15.35 -5.51 33.65
CA ARG B 436 15.75 -6.60 34.55
C ARG B 436 14.64 -7.09 35.46
N TRP B 437 13.72 -6.22 35.85
CA TRP B 437 12.61 -6.64 36.72
C TRP B 437 11.68 -7.65 36.05
N GLY B 438 11.71 -7.76 34.73
CA GLY B 438 10.90 -8.72 34.00
C GLY B 438 11.49 -10.11 33.86
N GLY B 439 12.69 -10.33 34.38
CA GLY B 439 13.38 -11.60 34.27
C GLY B 439 14.35 -11.64 33.12
N LYS B 440 14.80 -12.84 32.78
CA LYS B 440 15.76 -13.02 31.71
C LYS B 440 15.52 -14.36 31.03
N PRO B 441 15.96 -14.51 29.78
CA PRO B 441 15.84 -15.79 29.06
C PRO B 441 16.92 -16.80 29.39
N GLU B 442 17.70 -16.57 30.43
CA GLU B 442 18.85 -17.40 30.76
C GLU B 442 18.48 -18.85 31.06
N LYS B 443 19.05 -19.76 30.27
CA LYS B 443 18.91 -21.19 30.42
C LYS B 443 20.21 -21.84 29.95
N LEU B 444 20.39 -23.11 30.27
CA LEU B 444 21.55 -23.86 29.83
C LEU B 444 21.13 -25.01 28.92
N LEU B 445 21.97 -25.29 27.92
CA LEU B 445 21.66 -26.26 26.88
C LEU B 445 22.93 -27.00 26.45
N THR B 446 22.74 -28.07 25.69
CA THR B 446 23.85 -28.73 25.02
C THR B 446 24.30 -27.80 23.90
N ILE B 447 25.58 -27.46 23.88
CA ILE B 447 26.08 -26.42 22.98
C ILE B 447 27.24 -26.93 22.13
N GLY B 448 27.25 -26.50 20.86
CA GLY B 448 28.26 -26.88 19.91
C GLY B 448 29.61 -26.23 20.16
N PRO B 449 30.56 -26.52 19.25
CA PRO B 449 31.95 -26.03 19.37
C PRO B 449 32.15 -24.53 19.58
N SER B 450 31.27 -23.66 19.08
CA SER B 450 31.47 -22.22 19.22
C SER B 450 31.18 -21.68 20.61
N GLY B 451 30.61 -22.50 21.49
CA GLY B 451 30.32 -22.12 22.85
C GLY B 451 28.96 -21.52 23.13
N PRO B 452 28.79 -21.06 24.37
CA PRO B 452 27.46 -20.60 24.83
C PRO B 452 26.89 -19.34 24.20
N ARG B 453 27.67 -18.47 23.54
CA ARG B 453 27.03 -17.29 22.98
C ARG B 453 26.02 -17.64 21.89
N LEU B 454 26.19 -18.77 21.21
CA LEU B 454 25.21 -19.15 20.20
C LEU B 454 23.97 -19.76 20.84
N THR B 455 23.43 -19.07 21.84
CA THR B 455 22.23 -19.46 22.57
C THR B 455 21.52 -18.18 23.00
N PRO B 456 20.20 -18.22 23.12
CA PRO B 456 19.45 -17.02 23.57
C PRO B 456 19.95 -16.41 24.86
N ARG B 457 20.44 -17.23 25.80
CA ARG B 457 21.00 -16.69 27.03
C ARG B 457 22.25 -15.86 26.73
N GLY B 458 23.19 -16.43 25.98
CA GLY B 458 24.40 -15.69 25.63
C GLY B 458 24.08 -14.41 24.87
N SER B 459 23.10 -14.48 23.97
CA SER B 459 22.67 -13.29 23.22
C SER B 459 22.11 -12.21 24.15
N PHE B 460 21.32 -12.61 25.15
CA PHE B 460 20.78 -11.63 26.07
C PHE B 460 21.88 -11.05 26.96
N GLU B 461 22.81 -11.89 27.41
CA GLU B 461 23.94 -11.38 28.18
C GLU B 461 24.78 -10.40 27.37
N ALA B 462 24.96 -10.68 26.07
CA ALA B 462 25.71 -9.75 25.23
C ALA B 462 24.96 -8.44 25.03
N TRP B 463 23.62 -8.51 25.06
CA TRP B 463 22.86 -7.26 24.99
C TRP B 463 23.03 -6.49 26.30
N GLU B 464 22.87 -7.18 27.42
CA GLU B 464 23.03 -6.56 28.73
C GLU B 464 24.39 -5.87 28.82
N GLU B 465 25.43 -6.51 28.27
CA GLU B 465 26.76 -5.90 28.30
C GLU B 465 26.85 -4.72 27.34
N VAL B 466 26.05 -4.70 26.27
CA VAL B 466 26.12 -3.56 25.36
C VAL B 466 25.38 -2.35 25.93
N VAL B 467 24.21 -2.54 26.52
CA VAL B 467 23.44 -1.43 27.08
C VAL B 467 23.74 -1.19 28.55
N ARG B 468 24.71 -1.90 29.11
CA ARG B 468 25.07 -1.68 30.51
C ARG B 468 25.46 -0.23 30.75
N GLY B 469 24.83 0.39 31.74
CA GLY B 469 25.05 1.77 32.09
C GLY B 469 24.53 2.78 31.10
N HIS B 470 23.78 2.36 30.10
CA HIS B 470 23.20 3.26 29.11
C HIS B 470 21.69 3.31 29.28
N SER B 471 21.13 4.51 29.26
CA SER B 471 19.69 4.69 29.32
C SER B 471 19.11 4.69 27.91
N THR B 472 17.79 4.57 27.82
CA THR B 472 17.14 4.70 26.52
C THR B 472 17.39 6.10 25.99
N PRO B 473 17.92 6.24 24.77
CA PRO B 473 18.35 7.55 24.30
C PRO B 473 17.18 8.44 23.90
N TRP B 474 17.48 9.73 23.89
CA TRP B 474 16.53 10.75 23.47
C TRP B 474 16.40 10.75 21.95
N SER B 475 15.19 10.50 21.46
CA SER B 475 14.96 10.45 20.03
C SER B 475 14.89 11.87 19.45
N GLU B 476 14.88 11.94 18.12
CA GLU B 476 14.74 13.23 17.44
C GLU B 476 13.46 13.94 17.84
N THR B 477 12.41 13.17 18.16
CA THR B 477 11.16 13.77 18.63
C THR B 477 11.38 14.50 19.95
N ASP B 478 12.06 13.85 20.89
CA ASP B 478 12.33 14.47 22.18
C ASP B 478 13.22 15.69 22.04
N LEU B 479 14.27 15.61 21.21
CA LEU B 479 15.15 16.76 21.01
C LEU B 479 14.39 17.92 20.36
N ALA B 480 13.53 17.63 19.39
CA ALA B 480 12.73 18.68 18.76
C ALA B 480 11.80 19.33 19.77
N ILE B 481 11.10 18.52 20.57
CA ILE B 481 10.21 19.07 21.60
C ILE B 481 11.00 19.93 22.58
N ALA B 482 12.19 19.48 22.99
CA ALA B 482 13.02 20.24 23.91
C ALA B 482 13.43 21.58 23.33
N GLU B 483 13.91 21.59 22.09
CA GLU B 483 14.31 22.86 21.48
C GLU B 483 13.13 23.79 21.28
N LYS B 484 11.98 23.25 20.87
CA LYS B 484 10.79 24.08 20.74
C LYS B 484 10.37 24.66 22.08
N LEU B 485 10.47 23.85 23.14
CA LEU B 485 10.15 24.34 24.47
C LEU B 485 11.09 25.45 24.89
N ARG B 486 12.38 25.33 24.57
CA ARG B 486 13.31 26.41 24.88
C ARG B 486 12.96 27.67 24.11
N LEU B 487 12.65 27.53 22.82
CA LEU B 487 12.28 28.69 22.01
C LEU B 487 11.05 29.38 22.56
N ASP B 488 10.10 28.61 23.07
CA ASP B 488 8.92 29.20 23.70
C ASP B 488 9.29 29.89 25.00
N LEU B 489 10.06 29.21 25.85
CA LEU B 489 10.48 29.77 27.14
C LEU B 489 11.44 30.95 26.97
N MET B 490 12.07 31.10 25.81
CA MET B 490 12.95 32.25 25.61
C MET B 490 12.17 33.56 25.69
N GLU B 491 10.87 33.53 25.38
CA GLU B 491 10.04 34.71 25.55
C GLU B 491 9.75 34.97 27.02
N LEU B 492 9.43 33.91 27.77
CA LEU B 492 9.17 34.03 29.20
C LEU B 492 10.47 34.02 30.00
C1A LBV C . -26.88 4.14 -18.72
C1B LBV C . -25.72 1.84 -15.10
O1B LBV C . -24.84 -3.63 -12.27
C1C LBV C . -21.52 1.59 -16.28
O1C LBV C . -17.74 -1.71 -17.40
C1D LBV C . -20.54 3.49 -20.53
C2A LBV C . -27.90 5.04 -18.07
C2B LBV C . -25.68 0.84 -14.09
O2B LBV C . -22.64 -3.71 -12.59
C2C LBV C . -20.12 1.61 -16.34
O2C LBV C . -19.85 -1.37 -16.77
C2D LBV C . -19.72 2.45 -21.19
C3A LBV C . -27.99 4.51 -16.66
C3B LBV C . -24.39 0.37 -14.03
C3C LBV C . -19.77 2.34 -17.48
C3D LBV C . -19.31 2.95 -22.38
C4A LBV C . -26.98 3.46 -16.52
C4B LBV C . -23.61 1.11 -14.98
C4C LBV C . -20.95 2.75 -18.11
C4D LBV C . -19.77 4.35 -22.50
CAA LBV C . -28.64 5.03 -15.64
CAB LBV C . -23.90 -0.68 -13.10
CAC LBV C . -19.25 0.97 -15.31
CAD LBV C . -18.51 2.25 -23.37
CBA LBV C . -29.43 6.29 -15.63
CBB LBV C . -23.85 -2.06 -13.76
CBC LBV C . -18.16 0.06 -15.88
CBD LBV C . -18.20 2.67 -24.60
CGB LBV C . -23.78 -3.24 -12.78
CGC LBV C . -18.63 -1.11 -16.76
CHB LBV C . -26.87 2.58 -15.49
CHC LBV C . -22.28 0.98 -15.27
CHD LBV C . -21.13 3.50 -19.31
CMA LBV C . -29.18 4.95 -18.89
CMB LBV C . -26.85 0.39 -13.30
CMC LBV C . -18.38 2.65 -17.95
CMD LBV C . -19.51 1.07 -20.68
N_A LBV C . -26.41 3.28 -17.75
O_A LBV C . -26.51 4.15 -19.86
N_B LBV C . -24.49 1.98 -15.60
N_C LBV C . -22.01 2.29 -17.37
N_D LBV C . -20.48 4.60 -21.35
O_D LBV C . -19.60 5.14 -23.39
C1A LBV D . 25.26 -14.68 15.90
C1B LBV D . 23.94 -14.32 11.70
O1B LBV D . 21.52 -16.68 6.40
C1C LBV D . 19.72 -13.80 12.96
O1C LBV D . 15.09 -15.69 12.89
C1D LBV D . 18.71 -14.29 17.55
C2A LBV D . 26.46 -13.76 15.79
C2B LBV D . 23.67 -14.47 10.31
O2B LBV D . 19.47 -15.97 6.89
C2C LBV D . 18.39 -13.42 13.06
O2C LBV D . 17.12 -15.97 12.00
C2D LBV D . 17.66 -15.32 17.49
C3A LBV D . 26.56 -13.53 14.30
C3B LBV D . 22.31 -14.39 10.16
C3C LBV D . 18.11 -13.30 14.43
C3D LBV D . 17.22 -15.55 18.76
C4A LBV D . 25.50 -14.28 13.64
C4B LBV D . 21.73 -14.15 11.44
C4C LBV D . 19.26 -13.66 15.13
C4D LBV D . 17.94 -14.64 19.68
CAA LBV D . 27.36 -12.66 13.67
CAB LBV D . 21.56 -14.48 8.87
CAC LBV D . 17.51 -13.14 11.88
CAD LBV D . 16.21 -16.51 19.14
CBA LBV D . 28.33 -11.71 14.28
CBB LBV D . 21.07 -15.90 8.61
CBC LBV D . 16.13 -13.79 11.93
CBD LBV D . 15.72 -16.73 20.37
CGB LBV D . 20.66 -16.21 7.17
CGC LBV D . 16.12 -15.29 12.30
CHB LBV D . 25.22 -14.35 12.31
CHC LBV D . 20.40 -14.01 11.74
CHD LBV D . 19.41 -13.68 16.55
CMA LBV D . 27.66 -14.46 16.43
CMB LBV D . 24.70 -14.70 9.27
CMC LBV D . 16.81 -12.88 15.04
CMD LBV D . 17.21 -16.04 16.27
N_A LBV D . 24.79 -14.91 14.63
O_A LBV D . 24.78 -15.13 16.90
N_B LBV D . 22.78 -14.14 12.34
N_C LBV D . 20.24 -13.95 14.23
N_D LBV D . 18.79 -13.92 18.88
O_D LBV D . 17.85 -14.52 20.87
#